data_1HS2
# 
_entry.id   1HS2 
# 
_audit_conform.dict_name       mmcif_pdbx.dic 
_audit_conform.dict_version    5.392 
_audit_conform.dict_location   http://mmcif.pdb.org/dictionaries/ascii/mmcif_pdbx.dic 
# 
loop_
_database_2.database_id 
_database_2.database_code 
_database_2.pdbx_database_accession 
_database_2.pdbx_DOI 
PDB   1HS2         pdb_00001hs2 10.2210/pdb1hs2/pdb 
RCSB  RCSB012553   ?            ?                   
WWPDB D_1000012553 ?            ?                   
# 
loop_
_pdbx_audit_revision_history.ordinal 
_pdbx_audit_revision_history.data_content_type 
_pdbx_audit_revision_history.major_revision 
_pdbx_audit_revision_history.minor_revision 
_pdbx_audit_revision_history.revision_date 
1 'Structure model' 1 0 2001-08-29 
2 'Structure model' 1 1 2008-04-27 
3 'Structure model' 1 2 2011-07-13 
4 'Structure model' 1 3 2022-02-23 
5 'Structure model' 1 4 2024-05-22 
# 
_pdbx_audit_revision_details.ordinal             1 
_pdbx_audit_revision_details.revision_ordinal    1 
_pdbx_audit_revision_details.data_content_type   'Structure model' 
_pdbx_audit_revision_details.provider            repository 
_pdbx_audit_revision_details.type                'Initial release' 
_pdbx_audit_revision_details.description         ? 
_pdbx_audit_revision_details.details             ? 
# 
loop_
_pdbx_audit_revision_group.ordinal 
_pdbx_audit_revision_group.revision_ordinal 
_pdbx_audit_revision_group.data_content_type 
_pdbx_audit_revision_group.group 
1 2 'Structure model' 'Version format compliance' 
2 3 'Structure model' 'Version format compliance' 
3 4 'Structure model' 'Data collection'           
4 4 'Structure model' 'Database references'       
5 4 'Structure model' 'Derived calculations'      
6 5 'Structure model' 'Data collection'           
# 
loop_
_pdbx_audit_revision_category.ordinal 
_pdbx_audit_revision_category.revision_ordinal 
_pdbx_audit_revision_category.data_content_type 
_pdbx_audit_revision_category.category 
1 4 'Structure model' database_2            
2 4 'Structure model' pdbx_nmr_software     
3 4 'Structure model' pdbx_struct_assembly  
4 4 'Structure model' pdbx_struct_oper_list 
5 5 'Structure model' chem_comp_atom        
6 5 'Structure model' chem_comp_bond        
# 
loop_
_pdbx_audit_revision_item.ordinal 
_pdbx_audit_revision_item.revision_ordinal 
_pdbx_audit_revision_item.data_content_type 
_pdbx_audit_revision_item.item 
1 4 'Structure model' '_database_2.pdbx_DOI'                
2 4 'Structure model' '_database_2.pdbx_database_accession' 
3 4 'Structure model' '_pdbx_nmr_software.name'             
# 
_pdbx_database_status.status_code                     REL 
_pdbx_database_status.entry_id                        1HS2 
_pdbx_database_status.recvd_initial_deposition_date   2000-12-22 
_pdbx_database_status.deposit_site                    RCSB 
_pdbx_database_status.process_site                    RCSB 
_pdbx_database_status.SG_entry                        . 
_pdbx_database_status.pdb_format_compatible           Y 
_pdbx_database_status.status_code_mr                  ? 
_pdbx_database_status.status_code_sf                  ? 
_pdbx_database_status.status_code_cs                  ? 
_pdbx_database_status.status_code_nmr_data            ? 
_pdbx_database_status.methods_development_category    ? 
# 
loop_
_pdbx_database_related.db_name 
_pdbx_database_related.db_id 
_pdbx_database_related.details 
_pdbx_database_related.content_type 
PDB 1HS1 'RNA hairpin loop UUAACU as part of hairpin r(GCGUUAACUCGCA)' unspecified 
PDB 1HS3 'RNA hairpin loop UUAAUU as part of hairpin r(GCGUUAAUUCGCA)' unspecified 
PDB 1HS4 'RNA hairpin loop UUAAAU as part of hairpin r(GCGUUAAAUCGCA)' unspecified 
PDB 1HS8 'RNA hairpin loop UCAAUU as part of hairpin r(GCGUCAAUUCGCA)' unspecified 
# 
loop_
_audit_author.name 
_audit_author.pdbx_ordinal 
'Zhang, H.'      1 
'Fountain, M.A.' 2 
'Krugh, T.R.'    3 
# 
_citation.id                        primary 
_citation.title                     
'Structural characterization of a six-nucleotide RNA hairpin loop found in Escherichia coli, r(UUAAGU).' 
_citation.journal_abbrev            Biochemistry 
_citation.journal_volume            40 
_citation.page_first                9879 
_citation.page_last                 9886 
_citation.year                      2001 
_citation.journal_id_ASTM           BICHAW 
_citation.country                   US 
_citation.journal_id_ISSN           0006-2960 
_citation.journal_id_CSD            0033 
_citation.book_publisher            ? 
_citation.pdbx_database_id_PubMed   11502181 
_citation.pdbx_database_id_DOI      10.1021/bi011226x 
# 
loop_
_citation_author.citation_id 
_citation_author.name 
_citation_author.ordinal 
_citation_author.identifier_ORCID 
primary 'Zhang, H.'      1 ? 
primary 'Fountain, M.A.' 2 ? 
primary 'Krugh, T.R.'    3 ? 
# 
_entity.id                         1 
_entity.type                       polymer 
_entity.src_method                 syn 
_entity.pdbx_description           "5'-R(*GP*CP*GP*UP*UP*AP*AP*GP*UP*CP*GP*CP*A)-3'" 
_entity.formula_weight             4157.526 
_entity.pdbx_number_of_molecules   1 
_entity.pdbx_ec                    ? 
_entity.pdbx_mutation              ? 
_entity.pdbx_fragment              ? 
_entity.details                    ? 
# 
_entity_poly.entity_id                      1 
_entity_poly.type                           polyribonucleotide 
_entity_poly.nstd_linkage                   no 
_entity_poly.nstd_monomer                   no 
_entity_poly.pdbx_seq_one_letter_code       GCGUUAAGUCGCA 
_entity_poly.pdbx_seq_one_letter_code_can   GCGUUAAGUCGCA 
_entity_poly.pdbx_strand_id                 A 
_entity_poly.pdbx_target_identifier         ? 
# 
loop_
_entity_poly_seq.entity_id 
_entity_poly_seq.num 
_entity_poly_seq.mon_id 
_entity_poly_seq.hetero 
1 1  G n 
1 2  C n 
1 3  G n 
1 4  U n 
1 5  U n 
1 6  A n 
1 7  A n 
1 8  G n 
1 9  U n 
1 10 C n 
1 11 G n 
1 12 C n 
1 13 A n 
# 
loop_
_chem_comp.id 
_chem_comp.type 
_chem_comp.mon_nstd_flag 
_chem_comp.name 
_chem_comp.pdbx_synonyms 
_chem_comp.formula 
_chem_comp.formula_weight 
A 'RNA linking' y "ADENOSINE-5'-MONOPHOSPHATE" ? 'C10 H14 N5 O7 P' 347.221 
C 'RNA linking' y "CYTIDINE-5'-MONOPHOSPHATE"  ? 'C9 H14 N3 O8 P'  323.197 
G 'RNA linking' y "GUANOSINE-5'-MONOPHOSPHATE" ? 'C10 H14 N5 O8 P' 363.221 
U 'RNA linking' y "URIDINE-5'-MONOPHOSPHATE"   ? 'C9 H13 N2 O9 P'  324.181 
# 
loop_
_pdbx_poly_seq_scheme.asym_id 
_pdbx_poly_seq_scheme.entity_id 
_pdbx_poly_seq_scheme.seq_id 
_pdbx_poly_seq_scheme.mon_id 
_pdbx_poly_seq_scheme.ndb_seq_num 
_pdbx_poly_seq_scheme.pdb_seq_num 
_pdbx_poly_seq_scheme.auth_seq_num 
_pdbx_poly_seq_scheme.pdb_mon_id 
_pdbx_poly_seq_scheme.auth_mon_id 
_pdbx_poly_seq_scheme.pdb_strand_id 
_pdbx_poly_seq_scheme.pdb_ins_code 
_pdbx_poly_seq_scheme.hetero 
A 1 1  G 1  1  1  G G A . n 
A 1 2  C 2  2  2  C C A . n 
A 1 3  G 3  3  3  G G A . n 
A 1 4  U 4  4  4  U U A . n 
A 1 5  U 5  5  5  U U A . n 
A 1 6  A 6  6  6  A A A . n 
A 1 7  A 7  7  7  A A A . n 
A 1 8  G 8  8  8  G G A . n 
A 1 9  U 9  9  9  U U A . n 
A 1 10 C 10 10 10 C C A . n 
A 1 11 G 11 11 11 G G A . n 
A 1 12 C 12 12 12 C C A . n 
A 1 13 A 13 13 13 A A A . n 
# 
_cell.entry_id           1HS2 
_cell.length_a           ? 
_cell.length_b           ? 
_cell.length_c           ? 
_cell.angle_alpha        ? 
_cell.angle_beta         ? 
_cell.angle_gamma        ? 
_cell.Z_PDB              1 
_cell.pdbx_unique_axis   ? 
# 
_exptl.entry_id          1HS2 
_exptl.method            'SOLUTION NMR' 
_exptl.crystals_number   ? 
# 
_exptl_crystal.id                    1 
_exptl_crystal.density_meas          ? 
_exptl_crystal.density_Matthews      ? 
_exptl_crystal.density_percent_sol   ? 
_exptl_crystal.description           ? 
# 
_diffrn.id                     1 
_diffrn.ambient_temp           ? 
_diffrn.ambient_temp_details   ? 
_diffrn.crystal_id             1 
# 
_diffrn_radiation.diffrn_id                        1 
_diffrn_radiation.wavelength_id                    1 
_diffrn_radiation.pdbx_monochromatic_or_laue_m_l   M 
_diffrn_radiation.monochromator                    ? 
_diffrn_radiation.pdbx_diffrn_protocol             'SINGLE WAVELENGTH' 
_diffrn_radiation.pdbx_scattering_type             ? 
# 
_diffrn_radiation_wavelength.id           1 
_diffrn_radiation_wavelength.wavelength   . 
_diffrn_radiation_wavelength.wt           1.0 
# 
_struct.entry_id                  1HS2 
_struct.title                     'SOLUTION STRUCTURE OF RNA HAIRPIN LOOP UUAAGU AS PART OF HAIRPIN R(GCGUUAAGUCGCA)' 
_struct.pdbx_model_details        ? 
_struct.pdbx_CASP_flag            ? 
_struct.pdbx_model_type_details   ? 
# 
_struct_keywords.entry_id        1HS2 
_struct_keywords.pdbx_keywords   RNA 
_struct_keywords.text            'ribonucleic acid, hairpin loop, RNA structure, 30S Ribosome, RNA' 
# 
_struct_asym.id                            A 
_struct_asym.pdbx_blank_PDB_chainid_flag   N 
_struct_asym.pdbx_modified                 N 
_struct_asym.entity_id                     1 
_struct_asym.details                       ? 
# 
_struct_ref.id                         1 
_struct_ref.entity_id                  1 
_struct_ref.db_name                    PDB 
_struct_ref.db_code                    1HS2 
_struct_ref.pdbx_db_accession          1HS2 
_struct_ref.pdbx_db_isoform            ? 
_struct_ref.pdbx_seq_one_letter_code   ? 
_struct_ref.pdbx_align_begin           ? 
# 
_struct_ref_seq.align_id                      1 
_struct_ref_seq.ref_id                        1 
_struct_ref_seq.pdbx_PDB_id_code              1HS2 
_struct_ref_seq.pdbx_strand_id                A 
_struct_ref_seq.seq_align_beg                 1 
_struct_ref_seq.pdbx_seq_align_beg_ins_code   ? 
_struct_ref_seq.seq_align_end                 13 
_struct_ref_seq.pdbx_seq_align_end_ins_code   ? 
_struct_ref_seq.pdbx_db_accession             1HS2 
_struct_ref_seq.db_align_beg                  1 
_struct_ref_seq.pdbx_db_align_beg_ins_code    ? 
_struct_ref_seq.db_align_end                  13 
_struct_ref_seq.pdbx_db_align_end_ins_code    ? 
_struct_ref_seq.pdbx_auth_seq_align_beg       1 
_struct_ref_seq.pdbx_auth_seq_align_end       13 
# 
_pdbx_struct_assembly.id                   1 
_pdbx_struct_assembly.details              author_defined_assembly 
_pdbx_struct_assembly.method_details       ? 
_pdbx_struct_assembly.oligomeric_details   monomeric 
_pdbx_struct_assembly.oligomeric_count     1 
# 
_pdbx_struct_assembly_gen.assembly_id       1 
_pdbx_struct_assembly_gen.oper_expression   1 
_pdbx_struct_assembly_gen.asym_id_list      A 
# 
_pdbx_struct_oper_list.id                   1 
_pdbx_struct_oper_list.type                 'identity operation' 
_pdbx_struct_oper_list.name                 1_555 
_pdbx_struct_oper_list.symmetry_operation   x,y,z 
_pdbx_struct_oper_list.matrix[1][1]         1.0000000000 
_pdbx_struct_oper_list.matrix[1][2]         0.0000000000 
_pdbx_struct_oper_list.matrix[1][3]         0.0000000000 
_pdbx_struct_oper_list.vector[1]            0.0000000000 
_pdbx_struct_oper_list.matrix[2][1]         0.0000000000 
_pdbx_struct_oper_list.matrix[2][2]         1.0000000000 
_pdbx_struct_oper_list.matrix[2][3]         0.0000000000 
_pdbx_struct_oper_list.vector[2]            0.0000000000 
_pdbx_struct_oper_list.matrix[3][1]         0.0000000000 
_pdbx_struct_oper_list.matrix[3][2]         0.0000000000 
_pdbx_struct_oper_list.matrix[3][3]         1.0000000000 
_pdbx_struct_oper_list.vector[3]            0.0000000000 
# 
_struct_biol.id   1 
# 
loop_
_struct_conn.id 
_struct_conn.conn_type_id 
_struct_conn.pdbx_leaving_atom_flag 
_struct_conn.pdbx_PDB_id 
_struct_conn.ptnr1_label_asym_id 
_struct_conn.ptnr1_label_comp_id 
_struct_conn.ptnr1_label_seq_id 
_struct_conn.ptnr1_label_atom_id 
_struct_conn.pdbx_ptnr1_label_alt_id 
_struct_conn.pdbx_ptnr1_PDB_ins_code 
_struct_conn.pdbx_ptnr1_standard_comp_id 
_struct_conn.ptnr1_symmetry 
_struct_conn.ptnr2_label_asym_id 
_struct_conn.ptnr2_label_comp_id 
_struct_conn.ptnr2_label_seq_id 
_struct_conn.ptnr2_label_atom_id 
_struct_conn.pdbx_ptnr2_label_alt_id 
_struct_conn.pdbx_ptnr2_PDB_ins_code 
_struct_conn.ptnr1_auth_asym_id 
_struct_conn.ptnr1_auth_comp_id 
_struct_conn.ptnr1_auth_seq_id 
_struct_conn.ptnr2_auth_asym_id 
_struct_conn.ptnr2_auth_comp_id 
_struct_conn.ptnr2_auth_seq_id 
_struct_conn.ptnr2_symmetry 
_struct_conn.pdbx_ptnr3_label_atom_id 
_struct_conn.pdbx_ptnr3_label_seq_id 
_struct_conn.pdbx_ptnr3_label_comp_id 
_struct_conn.pdbx_ptnr3_label_asym_id 
_struct_conn.pdbx_ptnr3_label_alt_id 
_struct_conn.pdbx_ptnr3_PDB_ins_code 
_struct_conn.details 
_struct_conn.pdbx_dist_value 
_struct_conn.pdbx_value_order 
_struct_conn.pdbx_role 
hydrog1  hydrog ? ? A G 1 N1 ? ? ? 1_555 A C 12 N3 ? ? A G 1 A C 12 1_555 ? ? ? ? ? ? WATSON-CRICK ? ? ? 
hydrog2  hydrog ? ? A G 1 N2 ? ? ? 1_555 A C 12 O2 ? ? A G 1 A C 12 1_555 ? ? ? ? ? ? WATSON-CRICK ? ? ? 
hydrog3  hydrog ? ? A G 1 O6 ? ? ? 1_555 A C 12 N4 ? ? A G 1 A C 12 1_555 ? ? ? ? ? ? WATSON-CRICK ? ? ? 
hydrog4  hydrog ? ? A C 2 N3 ? ? ? 1_555 A G 11 N1 ? ? A C 2 A G 11 1_555 ? ? ? ? ? ? WATSON-CRICK ? ? ? 
hydrog5  hydrog ? ? A C 2 N4 ? ? ? 1_555 A G 11 O6 ? ? A C 2 A G 11 1_555 ? ? ? ? ? ? WATSON-CRICK ? ? ? 
hydrog6  hydrog ? ? A C 2 O2 ? ? ? 1_555 A G 11 N2 ? ? A C 2 A G 11 1_555 ? ? ? ? ? ? WATSON-CRICK ? ? ? 
hydrog7  hydrog ? ? A G 3 N1 ? ? ? 1_555 A C 10 N3 ? ? A G 3 A C 10 1_555 ? ? ? ? ? ? WATSON-CRICK ? ? ? 
hydrog8  hydrog ? ? A G 3 N2 ? ? ? 1_555 A C 10 O2 ? ? A G 3 A C 10 1_555 ? ? ? ? ? ? WATSON-CRICK ? ? ? 
hydrog9  hydrog ? ? A G 3 O6 ? ? ? 1_555 A C 10 N4 ? ? A G 3 A C 10 1_555 ? ? ? ? ? ? WATSON-CRICK ? ? ? 
hydrog10 hydrog ? ? A U 4 N3 ? ? ? 1_555 A U 9  O4 ? ? A U 4 A U 9  1_555 ? ? ? ? ? ? TYPE_16_PAIR ? ? ? 
hydrog11 hydrog ? ? A U 4 O2 ? ? ? 1_555 A U 9  N3 ? ? A U 4 A U 9  1_555 ? ? ? ? ? ? TYPE_16_PAIR ? ? ? 
# 
_struct_conn_type.id          hydrog 
_struct_conn_type.criteria    ? 
_struct_conn_type.reference   ? 
# 
loop_
_pdbx_validate_rmsd_angle.id 
_pdbx_validate_rmsd_angle.PDB_model_num 
_pdbx_validate_rmsd_angle.auth_atom_id_1 
_pdbx_validate_rmsd_angle.auth_asym_id_1 
_pdbx_validate_rmsd_angle.auth_comp_id_1 
_pdbx_validate_rmsd_angle.auth_seq_id_1 
_pdbx_validate_rmsd_angle.PDB_ins_code_1 
_pdbx_validate_rmsd_angle.label_alt_id_1 
_pdbx_validate_rmsd_angle.auth_atom_id_2 
_pdbx_validate_rmsd_angle.auth_asym_id_2 
_pdbx_validate_rmsd_angle.auth_comp_id_2 
_pdbx_validate_rmsd_angle.auth_seq_id_2 
_pdbx_validate_rmsd_angle.PDB_ins_code_2 
_pdbx_validate_rmsd_angle.label_alt_id_2 
_pdbx_validate_rmsd_angle.auth_atom_id_3 
_pdbx_validate_rmsd_angle.auth_asym_id_3 
_pdbx_validate_rmsd_angle.auth_comp_id_3 
_pdbx_validate_rmsd_angle.auth_seq_id_3 
_pdbx_validate_rmsd_angle.PDB_ins_code_3 
_pdbx_validate_rmsd_angle.label_alt_id_3 
_pdbx_validate_rmsd_angle.angle_value 
_pdbx_validate_rmsd_angle.angle_target_value 
_pdbx_validate_rmsd_angle.angle_deviation 
_pdbx_validate_rmsd_angle.angle_standard_deviation 
_pdbx_validate_rmsd_angle.linker_flag 
1 1 "O4'" A U 4  ? ? "C1'" A U 4  ? ? N1 A U 4  ? ? 113.18 108.50 4.68 0.70 N 
2 1 "O4'" A U 9  ? ? "C1'" A U 9  ? ? N1 A U 9  ? ? 113.11 108.50 4.61 0.70 N 
3 1 "O4'" A C 12 ? ? "C1'" A C 12 ? ? N1 A C 12 ? ? 113.29 108.50 4.79 0.70 N 
# 
_pdbx_validate_planes.id              1 
_pdbx_validate_planes.PDB_model_num   1 
_pdbx_validate_planes.auth_comp_id    A 
_pdbx_validate_planes.auth_asym_id    A 
_pdbx_validate_planes.auth_seq_id     6 
_pdbx_validate_planes.PDB_ins_code    ? 
_pdbx_validate_planes.label_alt_id    ? 
_pdbx_validate_planes.rmsd            0.055 
_pdbx_validate_planes.type            'SIDE CHAIN' 
# 
_pdbx_nmr_ensemble.entry_id                                      1HS2 
_pdbx_nmr_ensemble.conformers_calculated_total_number            30 
_pdbx_nmr_ensemble.conformers_submitted_total_number             1 
_pdbx_nmr_ensemble.conformer_selection_criteria                  'average structure of 30 conformers' 
_pdbx_nmr_ensemble.average_constraints_per_residue               ? 
_pdbx_nmr_ensemble.average_constraint_violations_per_residue     ? 
_pdbx_nmr_ensemble.maximum_distance_constraint_violation         ? 
_pdbx_nmr_ensemble.average_distance_constraint_violation         ? 
_pdbx_nmr_ensemble.maximum_upper_distance_constraint_violation   ? 
_pdbx_nmr_ensemble.maximum_lower_distance_constraint_violation   ? 
_pdbx_nmr_ensemble.distance_constraint_violation_method          ? 
_pdbx_nmr_ensemble.maximum_torsion_angle_constraint_violation    ? 
_pdbx_nmr_ensemble.average_torsion_angle_constraint_violation    ? 
_pdbx_nmr_ensemble.torsion_angle_constraint_violation_method     ? 
# 
_pdbx_nmr_sample_details.solution_id      1 
_pdbx_nmr_sample_details.contents         
;1 mM RNA oligomer - H2O; 
3 mM RNA oligomer - D2O
;
_pdbx_nmr_sample_details.solvent_system   ? 
# 
_pdbx_nmr_exptl_sample_conditions.conditions_id       1 
_pdbx_nmr_exptl_sample_conditions.temperature         303 
_pdbx_nmr_exptl_sample_conditions.pressure            '1.0 atm' 
_pdbx_nmr_exptl_sample_conditions.pH                  7.0 
_pdbx_nmr_exptl_sample_conditions.ionic_strength      '0.1 M NaCl, 0.01 M sodium phosphate' 
_pdbx_nmr_exptl_sample_conditions.pressure_units      ? 
_pdbx_nmr_exptl_sample_conditions.temperature_units   K 
# 
_pdbx_nmr_exptl.experiment_id   1 
_pdbx_nmr_exptl.solution_id     1 
_pdbx_nmr_exptl.conditions_id   1 
_pdbx_nmr_exptl.type            '2D NOESY' 
# 
_pdbx_nmr_refine.entry_id           1HS2 
_pdbx_nmr_refine.method             'restrained molecular dynamics & energy minimization' 
_pdbx_nmr_refine.details            ? 
_pdbx_nmr_refine.software_ordinal   1 
# 
loop_
_pdbx_nmr_software.name 
_pdbx_nmr_software.version 
_pdbx_nmr_software.classification 
_pdbx_nmr_software.authors 
_pdbx_nmr_software.ordinal 
Discover 'version 2.98' 'structure solution' MSI 1 
Discover 'version 2.98' refinement           MSI 2 
# 
loop_
_chem_comp_atom.comp_id 
_chem_comp_atom.atom_id 
_chem_comp_atom.type_symbol 
_chem_comp_atom.pdbx_aromatic_flag 
_chem_comp_atom.pdbx_stereo_config 
_chem_comp_atom.pdbx_ordinal 
A OP3    O N N 1   
A P      P N N 2   
A OP1    O N N 3   
A OP2    O N N 4   
A "O5'"  O N N 5   
A "C5'"  C N N 6   
A "C4'"  C N R 7   
A "O4'"  O N N 8   
A "C3'"  C N S 9   
A "O3'"  O N N 10  
A "C2'"  C N R 11  
A "O2'"  O N N 12  
A "C1'"  C N R 13  
A N9     N Y N 14  
A C8     C Y N 15  
A N7     N Y N 16  
A C5     C Y N 17  
A C6     C Y N 18  
A N6     N N N 19  
A N1     N Y N 20  
A C2     C Y N 21  
A N3     N Y N 22  
A C4     C Y N 23  
A HOP3   H N N 24  
A HOP2   H N N 25  
A "H5'"  H N N 26  
A "H5''" H N N 27  
A "H4'"  H N N 28  
A "H3'"  H N N 29  
A "HO3'" H N N 30  
A "H2'"  H N N 31  
A "HO2'" H N N 32  
A "H1'"  H N N 33  
A H8     H N N 34  
A H61    H N N 35  
A H62    H N N 36  
A H2     H N N 37  
C OP3    O N N 38  
C P      P N N 39  
C OP1    O N N 40  
C OP2    O N N 41  
C "O5'"  O N N 42  
C "C5'"  C N N 43  
C "C4'"  C N R 44  
C "O4'"  O N N 45  
C "C3'"  C N S 46  
C "O3'"  O N N 47  
C "C2'"  C N R 48  
C "O2'"  O N N 49  
C "C1'"  C N R 50  
C N1     N N N 51  
C C2     C N N 52  
C O2     O N N 53  
C N3     N N N 54  
C C4     C N N 55  
C N4     N N N 56  
C C5     C N N 57  
C C6     C N N 58  
C HOP3   H N N 59  
C HOP2   H N N 60  
C "H5'"  H N N 61  
C "H5''" H N N 62  
C "H4'"  H N N 63  
C "H3'"  H N N 64  
C "HO3'" H N N 65  
C "H2'"  H N N 66  
C "HO2'" H N N 67  
C "H1'"  H N N 68  
C H41    H N N 69  
C H42    H N N 70  
C H5     H N N 71  
C H6     H N N 72  
G OP3    O N N 73  
G P      P N N 74  
G OP1    O N N 75  
G OP2    O N N 76  
G "O5'"  O N N 77  
G "C5'"  C N N 78  
G "C4'"  C N R 79  
G "O4'"  O N N 80  
G "C3'"  C N S 81  
G "O3'"  O N N 82  
G "C2'"  C N R 83  
G "O2'"  O N N 84  
G "C1'"  C N R 85  
G N9     N Y N 86  
G C8     C Y N 87  
G N7     N Y N 88  
G C5     C Y N 89  
G C6     C N N 90  
G O6     O N N 91  
G N1     N N N 92  
G C2     C N N 93  
G N2     N N N 94  
G N3     N N N 95  
G C4     C Y N 96  
G HOP3   H N N 97  
G HOP2   H N N 98  
G "H5'"  H N N 99  
G "H5''" H N N 100 
G "H4'"  H N N 101 
G "H3'"  H N N 102 
G "HO3'" H N N 103 
G "H2'"  H N N 104 
G "HO2'" H N N 105 
G "H1'"  H N N 106 
G H8     H N N 107 
G H1     H N N 108 
G H21    H N N 109 
G H22    H N N 110 
U OP3    O N N 111 
U P      P N N 112 
U OP1    O N N 113 
U OP2    O N N 114 
U "O5'"  O N N 115 
U "C5'"  C N N 116 
U "C4'"  C N R 117 
U "O4'"  O N N 118 
U "C3'"  C N S 119 
U "O3'"  O N N 120 
U "C2'"  C N R 121 
U "O2'"  O N N 122 
U "C1'"  C N R 123 
U N1     N N N 124 
U C2     C N N 125 
U O2     O N N 126 
U N3     N N N 127 
U C4     C N N 128 
U O4     O N N 129 
U C5     C N N 130 
U C6     C N N 131 
U HOP3   H N N 132 
U HOP2   H N N 133 
U "H5'"  H N N 134 
U "H5''" H N N 135 
U "H4'"  H N N 136 
U "H3'"  H N N 137 
U "HO3'" H N N 138 
U "H2'"  H N N 139 
U "HO2'" H N N 140 
U "H1'"  H N N 141 
U H3     H N N 142 
U H5     H N N 143 
U H6     H N N 144 
# 
loop_
_chem_comp_bond.comp_id 
_chem_comp_bond.atom_id_1 
_chem_comp_bond.atom_id_2 
_chem_comp_bond.value_order 
_chem_comp_bond.pdbx_aromatic_flag 
_chem_comp_bond.pdbx_stereo_config 
_chem_comp_bond.pdbx_ordinal 
A OP3   P      sing N N 1   
A OP3   HOP3   sing N N 2   
A P     OP1    doub N N 3   
A P     OP2    sing N N 4   
A P     "O5'"  sing N N 5   
A OP2   HOP2   sing N N 6   
A "O5'" "C5'"  sing N N 7   
A "C5'" "C4'"  sing N N 8   
A "C5'" "H5'"  sing N N 9   
A "C5'" "H5''" sing N N 10  
A "C4'" "O4'"  sing N N 11  
A "C4'" "C3'"  sing N N 12  
A "C4'" "H4'"  sing N N 13  
A "O4'" "C1'"  sing N N 14  
A "C3'" "O3'"  sing N N 15  
A "C3'" "C2'"  sing N N 16  
A "C3'" "H3'"  sing N N 17  
A "O3'" "HO3'" sing N N 18  
A "C2'" "O2'"  sing N N 19  
A "C2'" "C1'"  sing N N 20  
A "C2'" "H2'"  sing N N 21  
A "O2'" "HO2'" sing N N 22  
A "C1'" N9     sing N N 23  
A "C1'" "H1'"  sing N N 24  
A N9    C8     sing Y N 25  
A N9    C4     sing Y N 26  
A C8    N7     doub Y N 27  
A C8    H8     sing N N 28  
A N7    C5     sing Y N 29  
A C5    C6     sing Y N 30  
A C5    C4     doub Y N 31  
A C6    N6     sing N N 32  
A C6    N1     doub Y N 33  
A N6    H61    sing N N 34  
A N6    H62    sing N N 35  
A N1    C2     sing Y N 36  
A C2    N3     doub Y N 37  
A C2    H2     sing N N 38  
A N3    C4     sing Y N 39  
C OP3   P      sing N N 40  
C OP3   HOP3   sing N N 41  
C P     OP1    doub N N 42  
C P     OP2    sing N N 43  
C P     "O5'"  sing N N 44  
C OP2   HOP2   sing N N 45  
C "O5'" "C5'"  sing N N 46  
C "C5'" "C4'"  sing N N 47  
C "C5'" "H5'"  sing N N 48  
C "C5'" "H5''" sing N N 49  
C "C4'" "O4'"  sing N N 50  
C "C4'" "C3'"  sing N N 51  
C "C4'" "H4'"  sing N N 52  
C "O4'" "C1'"  sing N N 53  
C "C3'" "O3'"  sing N N 54  
C "C3'" "C2'"  sing N N 55  
C "C3'" "H3'"  sing N N 56  
C "O3'" "HO3'" sing N N 57  
C "C2'" "O2'"  sing N N 58  
C "C2'" "C1'"  sing N N 59  
C "C2'" "H2'"  sing N N 60  
C "O2'" "HO2'" sing N N 61  
C "C1'" N1     sing N N 62  
C "C1'" "H1'"  sing N N 63  
C N1    C2     sing N N 64  
C N1    C6     sing N N 65  
C C2    O2     doub N N 66  
C C2    N3     sing N N 67  
C N3    C4     doub N N 68  
C C4    N4     sing N N 69  
C C4    C5     sing N N 70  
C N4    H41    sing N N 71  
C N4    H42    sing N N 72  
C C5    C6     doub N N 73  
C C5    H5     sing N N 74  
C C6    H6     sing N N 75  
G OP3   P      sing N N 76  
G OP3   HOP3   sing N N 77  
G P     OP1    doub N N 78  
G P     OP2    sing N N 79  
G P     "O5'"  sing N N 80  
G OP2   HOP2   sing N N 81  
G "O5'" "C5'"  sing N N 82  
G "C5'" "C4'"  sing N N 83  
G "C5'" "H5'"  sing N N 84  
G "C5'" "H5''" sing N N 85  
G "C4'" "O4'"  sing N N 86  
G "C4'" "C3'"  sing N N 87  
G "C4'" "H4'"  sing N N 88  
G "O4'" "C1'"  sing N N 89  
G "C3'" "O3'"  sing N N 90  
G "C3'" "C2'"  sing N N 91  
G "C3'" "H3'"  sing N N 92  
G "O3'" "HO3'" sing N N 93  
G "C2'" "O2'"  sing N N 94  
G "C2'" "C1'"  sing N N 95  
G "C2'" "H2'"  sing N N 96  
G "O2'" "HO2'" sing N N 97  
G "C1'" N9     sing N N 98  
G "C1'" "H1'"  sing N N 99  
G N9    C8     sing Y N 100 
G N9    C4     sing Y N 101 
G C8    N7     doub Y N 102 
G C8    H8     sing N N 103 
G N7    C5     sing Y N 104 
G C5    C6     sing N N 105 
G C5    C4     doub Y N 106 
G C6    O6     doub N N 107 
G C6    N1     sing N N 108 
G N1    C2     sing N N 109 
G N1    H1     sing N N 110 
G C2    N2     sing N N 111 
G C2    N3     doub N N 112 
G N2    H21    sing N N 113 
G N2    H22    sing N N 114 
G N3    C4     sing N N 115 
U OP3   P      sing N N 116 
U OP3   HOP3   sing N N 117 
U P     OP1    doub N N 118 
U P     OP2    sing N N 119 
U P     "O5'"  sing N N 120 
U OP2   HOP2   sing N N 121 
U "O5'" "C5'"  sing N N 122 
U "C5'" "C4'"  sing N N 123 
U "C5'" "H5'"  sing N N 124 
U "C5'" "H5''" sing N N 125 
U "C4'" "O4'"  sing N N 126 
U "C4'" "C3'"  sing N N 127 
U "C4'" "H4'"  sing N N 128 
U "O4'" "C1'"  sing N N 129 
U "C3'" "O3'"  sing N N 130 
U "C3'" "C2'"  sing N N 131 
U "C3'" "H3'"  sing N N 132 
U "O3'" "HO3'" sing N N 133 
U "C2'" "O2'"  sing N N 134 
U "C2'" "C1'"  sing N N 135 
U "C2'" "H2'"  sing N N 136 
U "O2'" "HO2'" sing N N 137 
U "C1'" N1     sing N N 138 
U "C1'" "H1'"  sing N N 139 
U N1    C2     sing N N 140 
U N1    C6     sing N N 141 
U C2    O2     doub N N 142 
U C2    N3     sing N N 143 
U N3    C4     sing N N 144 
U N3    H3     sing N N 145 
U C4    O4     doub N N 146 
U C4    C5     sing N N 147 
U C5    C6     doub N N 148 
U C5    H5     sing N N 149 
U C6    H6     sing N N 150 
# 
loop_
_ndb_struct_conf_na.entry_id 
_ndb_struct_conf_na.feature 
1HS2 'a-form double helix'  
1HS2 'hairpin loop'         
1HS2 'mismatched base pair' 
# 
loop_
_ndb_struct_na_base_pair.model_number 
_ndb_struct_na_base_pair.i_label_asym_id 
_ndb_struct_na_base_pair.i_label_comp_id 
_ndb_struct_na_base_pair.i_label_seq_id 
_ndb_struct_na_base_pair.i_symmetry 
_ndb_struct_na_base_pair.j_label_asym_id 
_ndb_struct_na_base_pair.j_label_comp_id 
_ndb_struct_na_base_pair.j_label_seq_id 
_ndb_struct_na_base_pair.j_symmetry 
_ndb_struct_na_base_pair.shear 
_ndb_struct_na_base_pair.stretch 
_ndb_struct_na_base_pair.stagger 
_ndb_struct_na_base_pair.buckle 
_ndb_struct_na_base_pair.propeller 
_ndb_struct_na_base_pair.opening 
_ndb_struct_na_base_pair.pair_number 
_ndb_struct_na_base_pair.pair_name 
_ndb_struct_na_base_pair.i_auth_asym_id 
_ndb_struct_na_base_pair.i_auth_seq_id 
_ndb_struct_na_base_pair.i_PDB_ins_code 
_ndb_struct_na_base_pair.j_auth_asym_id 
_ndb_struct_na_base_pair.j_auth_seq_id 
_ndb_struct_na_base_pair.j_PDB_ins_code 
_ndb_struct_na_base_pair.hbond_type_28 
_ndb_struct_na_base_pair.hbond_type_12 
1 A G 1 1_555 A C 12 1_555 -0.414 -0.073 0.065  -6.833 -17.720 -2.253 1 A_G1:C12_A A 1 ? A 12 ? 19 1 
1 A C 2 1_555 A G 11 1_555 -0.436 0.047  0.070  3.047  -15.172 -2.293 2 A_C2:G11_A A 2 ? A 11 ? 19 1 
1 A G 3 1_555 A C 10 1_555 0.142  -0.035 -0.404 -5.893 -23.235 2.620  3 A_G3:C10_A A 3 ? A 10 ? 19 1 
1 A U 4 1_555 A U 9  1_555 1.877  -1.710 0.391  1.212  -20.824 12.384 4 A_U4:U9_A  A 4 ? A 9  ? 16 1 
# 
loop_
_ndb_struct_na_base_pair_step.model_number 
_ndb_struct_na_base_pair_step.i_label_asym_id_1 
_ndb_struct_na_base_pair_step.i_label_comp_id_1 
_ndb_struct_na_base_pair_step.i_label_seq_id_1 
_ndb_struct_na_base_pair_step.i_symmetry_1 
_ndb_struct_na_base_pair_step.j_label_asym_id_1 
_ndb_struct_na_base_pair_step.j_label_comp_id_1 
_ndb_struct_na_base_pair_step.j_label_seq_id_1 
_ndb_struct_na_base_pair_step.j_symmetry_1 
_ndb_struct_na_base_pair_step.i_label_asym_id_2 
_ndb_struct_na_base_pair_step.i_label_comp_id_2 
_ndb_struct_na_base_pair_step.i_label_seq_id_2 
_ndb_struct_na_base_pair_step.i_symmetry_2 
_ndb_struct_na_base_pair_step.j_label_asym_id_2 
_ndb_struct_na_base_pair_step.j_label_comp_id_2 
_ndb_struct_na_base_pair_step.j_label_seq_id_2 
_ndb_struct_na_base_pair_step.j_symmetry_2 
_ndb_struct_na_base_pair_step.shift 
_ndb_struct_na_base_pair_step.slide 
_ndb_struct_na_base_pair_step.rise 
_ndb_struct_na_base_pair_step.tilt 
_ndb_struct_na_base_pair_step.roll 
_ndb_struct_na_base_pair_step.twist 
_ndb_struct_na_base_pair_step.x_displacement 
_ndb_struct_na_base_pair_step.y_displacement 
_ndb_struct_na_base_pair_step.helical_rise 
_ndb_struct_na_base_pair_step.inclination 
_ndb_struct_na_base_pair_step.tip 
_ndb_struct_na_base_pair_step.helical_twist 
_ndb_struct_na_base_pair_step.step_number 
_ndb_struct_na_base_pair_step.step_name 
_ndb_struct_na_base_pair_step.i_auth_asym_id_1 
_ndb_struct_na_base_pair_step.i_auth_seq_id_1 
_ndb_struct_na_base_pair_step.i_PDB_ins_code_1 
_ndb_struct_na_base_pair_step.j_auth_asym_id_1 
_ndb_struct_na_base_pair_step.j_auth_seq_id_1 
_ndb_struct_na_base_pair_step.j_PDB_ins_code_1 
_ndb_struct_na_base_pair_step.i_auth_asym_id_2 
_ndb_struct_na_base_pair_step.i_auth_seq_id_2 
_ndb_struct_na_base_pair_step.i_PDB_ins_code_2 
_ndb_struct_na_base_pair_step.j_auth_asym_id_2 
_ndb_struct_na_base_pair_step.j_auth_seq_id_2 
_ndb_struct_na_base_pair_step.j_PDB_ins_code_2 
1 A G 1 1_555 A C 12 1_555 A C 2 1_555 A G 11 1_555 -0.057 -1.869 2.908 0.482  0.538  29.914 -3.719 0.198  2.873 1.042  -0.933 
29.923 1 AA_G1C2:G11C12_AA A 1 ? A 12 ? A 2 ? A 11 ? 
1 A C 2 1_555 A G 11 1_555 A G 3 1_555 A C 10 1_555 0.284  -1.825 3.372 2.411  19.317 29.718 -5.503 -0.155 1.889 33.518 -4.184 
35.406 2 AA_C2G3:C10G11_AA A 2 ? A 11 ? A 3 ? A 10 ? 
1 A G 3 1_555 A C 10 1_555 A U 4 1_555 A U 9  1_555 0.487  -1.423 2.968 -6.029 2.547  37.174 -2.492 -1.440 2.759 3.958  9.368  
37.725 3 AA_G3U4:U9C10_AA  A 3 ? A 10 ? A 4 ? A 9  ? 
# 
_pdbx_nmr_spectrometer.spectrometer_id   1 
_pdbx_nmr_spectrometer.type              ? 
_pdbx_nmr_spectrometer.manufacturer      Varian 
_pdbx_nmr_spectrometer.model             INOVA 
_pdbx_nmr_spectrometer.field_strength    500 
# 
_atom_sites.entry_id                    1HS2 
_atom_sites.fract_transf_matrix[1][1]   1.000000 
_atom_sites.fract_transf_matrix[1][2]   0.000000 
_atom_sites.fract_transf_matrix[1][3]   0.000000 
_atom_sites.fract_transf_matrix[2][1]   0.000000 
_atom_sites.fract_transf_matrix[2][2]   1.000000 
_atom_sites.fract_transf_matrix[2][3]   0.000000 
_atom_sites.fract_transf_matrix[3][1]   0.000000 
_atom_sites.fract_transf_matrix[3][2]   0.000000 
_atom_sites.fract_transf_matrix[3][3]   1.000000 
_atom_sites.fract_transf_vector[1]      0.00000 
_atom_sites.fract_transf_vector[2]      0.00000 
_atom_sites.fract_transf_vector[3]      0.00000 
# 
loop_
_atom_type.symbol 
C 
H 
N 
O 
P 
# 
loop_
_atom_site.group_PDB 
_atom_site.id 
_atom_site.type_symbol 
_atom_site.label_atom_id 
_atom_site.label_alt_id 
_atom_site.label_comp_id 
_atom_site.label_asym_id 
_atom_site.label_entity_id 
_atom_site.label_seq_id 
_atom_site.pdbx_PDB_ins_code 
_atom_site.Cartn_x 
_atom_site.Cartn_y 
_atom_site.Cartn_z 
_atom_site.occupancy 
_atom_site.B_iso_or_equiv 
_atom_site.pdbx_formal_charge 
_atom_site.auth_seq_id 
_atom_site.auth_comp_id 
_atom_site.auth_asym_id 
_atom_site.auth_atom_id 
_atom_site.pdbx_PDB_model_num 
ATOM 1   O "O5'"  . G A 1 1  ? 2.478   -7.651  12.633 1.00 0.00 ? 1  G A "O5'"  1 
ATOM 2   C "C5'"  . G A 1 1  ? 2.993   -7.450  11.333 1.00 0.00 ? 1  G A "C5'"  1 
ATOM 3   C "C4'"  . G A 1 1  ? 2.225   -8.299  10.310 1.00 0.00 ? 1  G A "C4'"  1 
ATOM 4   O "O4'"  . G A 1 1  ? 0.859   -7.920  10.249 1.00 0.00 ? 1  G A "O4'"  1 
ATOM 5   C "C3'"  . G A 1 1  ? 2.752   -8.111  8.886  1.00 0.00 ? 1  G A "C3'"  1 
ATOM 6   O "O3'"  . G A 1 1  ? 3.949   -8.839  8.640  1.00 0.00 ? 1  G A "O3'"  1 
ATOM 7   C "C2'"  . G A 1 1  ? 1.553   -8.611  8.080  1.00 0.00 ? 1  G A "C2'"  1 
ATOM 8   O "O2'"  . G A 1 1  ? 1.498   -10.024 8.042  1.00 0.00 ? 1  G A "O2'"  1 
ATOM 9   C "C1'"  . G A 1 1  ? 0.382   -8.083  8.918  1.00 0.00 ? 1  G A "C1'"  1 
ATOM 10  N N9     . G A 1 1  ? -0.096  -6.791  8.361  1.00 0.00 ? 1  G A N9     1 
ATOM 11  C C8     . G A 1 1  ? 0.130   -5.509  8.800  1.00 0.00 ? 1  G A C8     1 
ATOM 12  N N7     . G A 1 1  ? -0.439  -4.586  8.076  1.00 0.00 ? 1  G A N7     1 
ATOM 13  C C5     . G A 1 1  ? -1.086  -5.299  7.073  1.00 0.00 ? 1  G A C5     1 
ATOM 14  C C6     . G A 1 1  ? -1.894  -4.836  5.980  1.00 0.00 ? 1  G A C6     1 
ATOM 15  O O6     . G A 1 1  ? -2.196  -3.678  5.707  1.00 0.00 ? 1  G A O6     1 
ATOM 16  N N1     . G A 1 1  ? -2.366  -5.879  5.171  1.00 0.00 ? 1  G A N1     1 
ATOM 17  C C2     . G A 1 1  ? -2.081  -7.224  5.386  1.00 0.00 ? 1  G A C2     1 
ATOM 18  N N2     . G A 1 1  ? -2.611  -8.105  4.528  1.00 0.00 ? 1  G A N2     1 
ATOM 19  N N3     . G A 1 1  ? -1.326  -7.656  6.420  1.00 0.00 ? 1  G A N3     1 
ATOM 20  C C4     . G A 1 1  ? -0.862  -6.651  7.227  1.00 0.00 ? 1  G A C4     1 
ATOM 21  H "H5'"  . G A 1 1  ? 4.047   -7.737  11.326 1.00 0.00 ? 1  G A "H5'"  1 
ATOM 22  H "H5''" . G A 1 1  ? 2.914   -6.391  11.080 1.00 0.00 ? 1  G A "H5''" 1 
ATOM 23  H "H4'"  . G A 1 1  ? 2.283   -9.354  10.586 1.00 0.00 ? 1  G A "H4'"  1 
ATOM 24  H "H3'"  . G A 1 1  ? 2.893   -7.040  8.707  1.00 0.00 ? 1  G A "H3'"  1 
ATOM 25  H "H2'"  . G A 1 1  ? 1.561   -8.223  7.063  1.00 0.00 ? 1  G A "H2'"  1 
ATOM 26  H "HO2'" . G A 1 1  ? 0.760   -10.282 7.483  1.00 0.00 ? 1  G A "HO2'" 1 
ATOM 27  H "H1'"  . G A 1 1  ? -0.451  -8.791  8.921  1.00 0.00 ? 1  G A "H1'"  1 
ATOM 28  H H8     . G A 1 1  ? 0.725   -5.279  9.672  1.00 0.00 ? 1  G A H8     1 
ATOM 29  H H1     . G A 1 1  ? -2.943  -5.623  4.382  1.00 0.00 ? 1  G A H1     1 
ATOM 30  H H21    . G A 1 1  ? -3.178  -7.781  3.757  1.00 0.00 ? 1  G A H21    1 
ATOM 31  H H22    . G A 1 1  ? -2.444  -9.092  4.651  1.00 0.00 ? 1  G A H22    1 
ATOM 32  H "HO5'" . G A 1 1  ? 1.578   -7.319  12.656 1.00 0.00 ? 1  G A "HO5'" 1 
ATOM 33  P P      . C A 1 2  ? 4.897   -8.540  7.358  1.00 0.00 ? 2  C A P      1 
ATOM 34  O OP1    . C A 1 2  ? 6.013   -9.512  7.381  1.00 0.00 ? 2  C A OP1    1 
ATOM 35  O OP2    . C A 1 2  ? 5.196   -7.090  7.343  1.00 0.00 ? 2  C A OP2    1 
ATOM 36  O "O5'"  . C A 1 2  ? 3.967   -8.862  6.073  1.00 0.00 ? 2  C A "O5'"  1 
ATOM 37  C "C5'"  . C A 1 2  ? 3.700   -10.181 5.621  1.00 0.00 ? 2  C A "C5'"  1 
ATOM 38  C "C4'"  . C A 1 2  ? 2.780   -10.135 4.390  1.00 0.00 ? 2  C A "C4'"  1 
ATOM 39  O "O4'"  . C A 1 2  ? 1.559   -9.458  4.649  1.00 0.00 ? 2  C A "O4'"  1 
ATOM 40  C "C3'"  . C A 1 2  ? 3.403   -9.393  3.208  1.00 0.00 ? 2  C A "C3'"  1 
ATOM 41  O "O3'"  . C A 1 2  ? 4.397   -10.178 2.561  1.00 0.00 ? 2  C A "O3'"  1 
ATOM 42  C "C2'"  . C A 1 2  ? 2.156   -9.127  2.363  1.00 0.00 ? 2  C A "C2'"  1 
ATOM 43  O "O2'"  . C A 1 2  ? 1.819   -10.260 1.583  1.00 0.00 ? 2  C A "O2'"  1 
ATOM 44  C "C1'"  . C A 1 2  ? 1.083   -8.875  3.438  1.00 0.00 ? 2  C A "C1'"  1 
ATOM 45  N N1     . C A 1 2  ? 0.820   -7.404  3.574  1.00 0.00 ? 2  C A N1     1 
ATOM 46  C C2     . C A 1 2  ? -0.104  -6.807  2.695  1.00 0.00 ? 2  C A C2     1 
ATOM 47  O O2     . C A 1 2  ? -0.715  -7.476  1.862  1.00 0.00 ? 2  C A O2     1 
ATOM 48  N N3     . C A 1 2  ? -0.312  -5.455  2.779  1.00 0.00 ? 2  C A N3     1 
ATOM 49  C C4     . C A 1 2  ? 0.360   -4.694  3.667  1.00 0.00 ? 2  C A C4     1 
ATOM 50  N N4     . C A 1 2  ? 0.129   -3.375  3.695  1.00 0.00 ? 2  C A N4     1 
ATOM 51  C C5     . C A 1 2  ? 1.331   -5.278  4.561  1.00 0.00 ? 2  C A C5     1 
ATOM 52  C C6     . C A 1 2  ? 1.524   -6.620  4.473  1.00 0.00 ? 2  C A C6     1 
ATOM 53  H "H5'"  . C A 1 2  ? 3.225   -10.773 6.404  1.00 0.00 ? 2  C A "H5'"  1 
ATOM 54  H "H5''" . C A 1 2  ? 4.633   -10.671 5.340  1.00 0.00 ? 2  C A "H5''" 1 
ATOM 55  H "H4'"  . C A 1 2  ? 2.540   -11.158 4.090  1.00 0.00 ? 2  C A "H4'"  1 
ATOM 56  H "H3'"  . C A 1 2  ? 3.816   -8.443  3.552  1.00 0.00 ? 2  C A "H3'"  1 
ATOM 57  H "H2'"  . C A 1 2  ? 2.299   -8.273  1.700  1.00 0.00 ? 2  C A "H2'"  1 
ATOM 58  H "HO2'" . C A 1 2  ? 2.546   -10.437 0.982  1.00 0.00 ? 2  C A "HO2'" 1 
ATOM 59  H "H1'"  . C A 1 2  ? 0.156   -9.395  3.183  1.00 0.00 ? 2  C A "H1'"  1 
ATOM 60  H H41    . C A 1 2  ? -0.544  -2.968  3.061  1.00 0.00 ? 2  C A H41    1 
ATOM 61  H H42    . C A 1 2  ? 0.624   -2.786  4.349  1.00 0.00 ? 2  C A H42    1 
ATOM 62  H H5     . C A 1 2  ? 1.900   -4.703  5.279  1.00 0.00 ? 2  C A H5     1 
ATOM 63  H H6     . C A 1 2  ? 2.261   -7.070  5.120  1.00 0.00 ? 2  C A H6     1 
ATOM 64  P P      . G A 1 3  ? 5.376   -9.570  1.425  1.00 0.00 ? 3  G A P      1 
ATOM 65  O OP1    . G A 1 3  ? 6.271   -10.654 0.962  1.00 0.00 ? 3  G A OP1    1 
ATOM 66  O OP2    . G A 1 3  ? 5.956   -8.312  1.948  1.00 0.00 ? 3  G A OP2    1 
ATOM 67  O "O5'"  . G A 1 3  ? 4.355   -9.216  0.221  1.00 0.00 ? 3  G A "O5'"  1 
ATOM 68  C "C5'"  . G A 1 3  ? 4.592   -8.139  -0.670 1.00 0.00 ? 3  G A "C5'"  1 
ATOM 69  C "C4'"  . G A 1 3  ? 3.401   -7.970  -1.624 1.00 0.00 ? 3  G A "C4'"  1 
ATOM 70  O "O4'"  . G A 1 3  ? 2.187   -7.771  -0.910 1.00 0.00 ? 3  G A "O4'"  1 
ATOM 71  C "C3'"  . G A 1 3  ? 3.575   -6.745  -2.530 1.00 0.00 ? 3  G A "C3'"  1 
ATOM 72  O "O3'"  . G A 1 3  ? 4.311   -7.036  -3.712 1.00 0.00 ? 3  G A "O3'"  1 
ATOM 73  C "C2'"  . G A 1 3  ? 2.119   -6.390  -2.819 1.00 0.00 ? 3  G A "C2'"  1 
ATOM 74  O "O2'"  . G A 1 3  ? 1.558   -7.261  -3.783 1.00 0.00 ? 3  G A "O2'"  1 
ATOM 75  C "C1'"  . G A 1 3  ? 1.484   -6.660  -1.449 1.00 0.00 ? 3  G A "C1'"  1 
ATOM 76  N N9     . G A 1 3  ? 1.608   -5.475  -0.557 1.00 0.00 ? 3  G A N9     1 
ATOM 77  C C8     . G A 1 3  ? 2.336   -5.314  0.599  1.00 0.00 ? 3  G A C8     1 
ATOM 78  N N7     . G A 1 3  ? 2.202   -4.147  1.162  1.00 0.00 ? 3  G A N7     1 
ATOM 79  C C5     . G A 1 3  ? 1.316   -3.475  0.331  1.00 0.00 ? 3  G A C5     1 
ATOM 80  C C6     . G A 1 3  ? 0.775   -2.151  0.432  1.00 0.00 ? 3  G A C6     1 
ATOM 81  O O6     . G A 1 3  ? 0.956   -1.329  1.327  1.00 0.00 ? 3  G A O6     1 
ATOM 82  N N1     . G A 1 3  ? -0.053  -1.816  -0.649 1.00 0.00 ? 3  G A N1     1 
ATOM 83  C C2     . G A 1 3  ? -0.343  -2.674  -1.705 1.00 0.00 ? 3  G A C2     1 
ATOM 84  N N2     . G A 1 3  ? -1.168  -2.219  -2.657 1.00 0.00 ? 3  G A N2     1 
ATOM 85  N N3     . G A 1 3  ? 0.148   -3.929  -1.782 1.00 0.00 ? 3  G A N3     1 
ATOM 86  C C4     . G A 1 3  ? 0.970   -4.271  -0.742 1.00 0.00 ? 3  G A C4     1 
ATOM 87  H "H5'"  . G A 1 3  ? 5.495   -8.330  -1.254 1.00 0.00 ? 3  G A "H5'"  1 
ATOM 88  H "H5''" . G A 1 3  ? 4.727   -7.214  -0.106 1.00 0.00 ? 3  G A "H5''" 1 
ATOM 89  H "H4'"  . G A 1 3  ? 3.284   -8.869  -2.234 1.00 0.00 ? 3  G A "H4'"  1 
ATOM 90  H "H3'"  . G A 1 3  ? 4.031   -5.935  -1.953 1.00 0.00 ? 3  G A "H3'"  1 
ATOM 91  H "H2'"  . G A 1 3  ? 2.008   -5.360  -3.153 1.00 0.00 ? 3  G A "H2'"  1 
ATOM 92  H "HO2'" . G A 1 3  ? 2.095   -7.218  -4.578 1.00 0.00 ? 3  G A "HO2'" 1 
ATOM 93  H "H1'"  . G A 1 3  ? 0.424   -6.907  -1.546 1.00 0.00 ? 3  G A "H1'"  1 
ATOM 94  H H8     . G A 1 3  ? 2.966   -6.082  1.019  1.00 0.00 ? 3  G A H8     1 
ATOM 95  H H1     . G A 1 3  ? -0.468  -0.897  -0.641 1.00 0.00 ? 3  G A H1     1 
ATOM 96  H H21    . G A 1 3  ? -1.534  -1.278  -2.605 1.00 0.00 ? 3  G A H21    1 
ATOM 97  H H22    . G A 1 3  ? -1.420  -2.816  -3.431 1.00 0.00 ? 3  G A H22    1 
ATOM 98  P P      . U A 1 4  ? 5.297   -5.956  -4.409 1.00 0.00 ? 4  U A P      1 
ATOM 99  O OP1    . U A 1 4  ? 5.694   -6.484  -5.734 1.00 0.00 ? 4  U A OP1    1 
ATOM 100 O OP2    . U A 1 4  ? 6.342   -5.596  -3.426 1.00 0.00 ? 4  U A OP2    1 
ATOM 101 O "O5'"  . U A 1 4  ? 4.368   -4.651  -4.636 1.00 0.00 ? 4  U A "O5'"  1 
ATOM 102 C "C5'"  . U A 1 4  ? 3.403   -4.563  -5.673 1.00 0.00 ? 4  U A "C5'"  1 
ATOM 103 C "C4'"  . U A 1 4  ? 2.695   -3.200  -5.616 1.00 0.00 ? 4  U A "C4'"  1 
ATOM 104 O "O4'"  . U A 1 4  ? 1.987   -3.020  -4.400 1.00 0.00 ? 4  U A "O4'"  1 
ATOM 105 C "C3'"  . U A 1 4  ? 3.646   -2.003  -5.698 1.00 0.00 ? 4  U A "C3'"  1 
ATOM 106 O "O3'"  . U A 1 4  ? 4.136   -1.780  -7.011 1.00 0.00 ? 4  U A "O3'"  1 
ATOM 107 C "C2'"  . U A 1 4  ? 2.733   -0.894  -5.178 1.00 0.00 ? 4  U A "C2'"  1 
ATOM 108 O "O2'"  . U A 1 4  ? 1.825   -0.450  -6.171 1.00 0.00 ? 4  U A "O2'"  1 
ATOM 109 C "C1'"  . U A 1 4  ? 1.962   -1.633  -4.072 1.00 0.00 ? 4  U A "C1'"  1 
ATOM 110 N N1     . U A 1 4  ? 2.556   -1.333  -2.731 1.00 0.00 ? 4  U A N1     1 
ATOM 111 C C2     . U A 1 4  ? 2.251   -0.086  -2.163 1.00 0.00 ? 4  U A C2     1 
ATOM 112 O O2     . U A 1 4  ? 1.543   0.747   -2.724 1.00 0.00 ? 4  U A O2     1 
ATOM 113 N N3     . U A 1 4  ? 2.809   0.184   -0.913 1.00 0.00 ? 4  U A N3     1 
ATOM 114 C C4     . U A 1 4  ? 3.681   -0.650  -0.214 1.00 0.00 ? 4  U A C4     1 
ATOM 115 O O4     . U A 1 4  ? 4.127   -0.303  0.877  1.00 0.00 ? 4  U A O4     1 
ATOM 116 C C5     . U A 1 4  ? 3.980   -1.907  -0.889 1.00 0.00 ? 4  U A C5     1 
ATOM 117 C C6     . U A 1 4  ? 3.424   -2.206  -2.093 1.00 0.00 ? 4  U A C6     1 
ATOM 118 H "H5'"  . U A 1 4  ? 2.661   -5.357  -5.575 1.00 0.00 ? 4  U A "H5'"  1 
ATOM 119 H "H5''" . U A 1 4  ? 3.894   -4.659  -6.644 1.00 0.00 ? 4  U A "H5''" 1 
ATOM 120 H "H4'"  . U A 1 4  ? 1.974   -3.151  -6.436 1.00 0.00 ? 4  U A "H4'"  1 
ATOM 121 H "H3'"  . U A 1 4  ? 4.466   -2.149  -4.991 1.00 0.00 ? 4  U A "H3'"  1 
ATOM 122 H "H2'"  . U A 1 4  ? 3.303   -0.040  -4.811 1.00 0.00 ? 4  U A "H2'"  1 
ATOM 123 H "HO2'" . U A 1 4  ? 1.311   -1.199  -6.478 1.00 0.00 ? 4  U A "HO2'" 1 
ATOM 124 H "H1'"  . U A 1 4  ? 0.915   -1.322  -4.075 1.00 0.00 ? 4  U A "H1'"  1 
ATOM 125 H H3     . U A 1 4  ? 2.580   1.070   -0.487 1.00 0.00 ? 4  U A H3     1 
ATOM 126 H H5     . U A 1 4  ? 4.649   -2.614  -0.422 1.00 0.00 ? 4  U A H5     1 
ATOM 127 H H6     . U A 1 4  ? 3.676   -3.151  -2.550 1.00 0.00 ? 4  U A H6     1 
ATOM 128 P P      . U A 1 5  ? 5.407   -0.819  -7.305 1.00 0.00 ? 5  U A P      1 
ATOM 129 O OP1    . U A 1 5  ? 5.648   -0.815  -8.766 1.00 0.00 ? 5  U A OP1    1 
ATOM 130 O OP2    . U A 1 5  ? 6.502   -1.215  -6.390 1.00 0.00 ? 5  U A OP2    1 
ATOM 131 O "O5'"  . U A 1 5  ? 4.910   0.656   -6.863 1.00 0.00 ? 5  U A "O5'"  1 
ATOM 132 C "C5'"  . U A 1 5  ? 4.087   1.472   -7.684 1.00 0.00 ? 5  U A "C5'"  1 
ATOM 133 C "C4'"  . U A 1 5  ? 3.917   2.862   -7.050 1.00 0.00 ? 5  U A "C4'"  1 
ATOM 134 O "O4'"  . U A 1 5  ? 3.247   2.827   -5.802 1.00 0.00 ? 5  U A "O4'"  1 
ATOM 135 C "C3'"  . U A 1 5  ? 5.251   3.541   -6.742 1.00 0.00 ? 5  U A "C3'"  1 
ATOM 136 O "O3'"  . U A 1 5  ? 5.904   3.967   -7.928 1.00 0.00 ? 5  U A "O3'"  1 
ATOM 137 C "C2'"  . U A 1 5  ? 4.787   4.660   -5.810 1.00 0.00 ? 5  U A "C2'"  1 
ATOM 138 O "O2'"  . U A 1 5  ? 4.300   5.774   -6.536 1.00 0.00 ? 5  U A "O2'"  1 
ATOM 139 C "C1'"  . U A 1 5  ? 3.637   3.972   -5.044 1.00 0.00 ? 5  U A "C1'"  1 
ATOM 140 N N1     . U A 1 5  ? 4.061   3.601   -3.656 1.00 0.00 ? 5  U A N1     1 
ATOM 141 C C2     . U A 1 5  ? 3.871   4.545   -2.632 1.00 0.00 ? 5  U A C2     1 
ATOM 142 O O2     . U A 1 5  ? 3.382   5.655   -2.821 1.00 0.00 ? 5  U A O2     1 
ATOM 143 N N3     . U A 1 5  ? 4.269   4.163   -1.351 1.00 0.00 ? 5  U A N3     1 
ATOM 144 C C4     . U A 1 5  ? 4.851   2.943   -1.007 1.00 0.00 ? 5  U A C4     1 
ATOM 145 O O4     . U A 1 5  ? 5.126   2.697   0.165  1.00 0.00 ? 5  U A O4     1 
ATOM 146 C C5     . U A 1 5  ? 5.080   2.050   -2.134 1.00 0.00 ? 5  U A C5     1 
ATOM 147 C C6     . U A 1 5  ? 4.687   2.393   -3.390 1.00 0.00 ? 5  U A C6     1 
ATOM 148 H "H5'"  . U A 1 5  ? 3.110   1.013   -7.834 1.00 0.00 ? 5  U A "H5'"  1 
ATOM 149 H "H5''" . U A 1 5  ? 4.559   1.606   -8.659 1.00 0.00 ? 5  U A "H5''" 1 
ATOM 150 H "H4'"  . U A 1 5  ? 3.333   3.487   -7.731 1.00 0.00 ? 5  U A "H4'"  1 
ATOM 151 H "H3'"  . U A 1 5  ? 5.879   2.850   -6.173 1.00 0.00 ? 5  U A "H3'"  1 
ATOM 152 H "H2'"  . U A 1 5  ? 5.596   4.993   -5.161 1.00 0.00 ? 5  U A "H2'"  1 
ATOM 153 H "HO2'" . U A 1 5  ? 3.594   5.482   -7.116 1.00 0.00 ? 5  U A "HO2'" 1 
ATOM 154 H "H1'"  . U A 1 5  ? 2.765   4.628   -5.006 1.00 0.00 ? 5  U A "H1'"  1 
ATOM 155 H H3     . U A 1 5  ? 4.112   4.825   -0.604 1.00 0.00 ? 5  U A H3     1 
ATOM 156 H H5     . U A 1 5  ? 5.561   1.096   -1.969 1.00 0.00 ? 5  U A H5     1 
ATOM 157 H H6     . U A 1 5  ? 4.880   1.698   -4.194 1.00 0.00 ? 5  U A H6     1 
ATOM 158 P P      . A A 1 6  ? 7.488   4.297   -7.980 1.00 0.00 ? 6  A A P      1 
ATOM 159 O OP1    . A A 1 6  ? 7.846   4.572   -9.390 1.00 0.00 ? 6  A A OP1    1 
ATOM 160 O OP2    . A A 1 6  ? 8.210   3.239   -7.236 1.00 0.00 ? 6  A A OP2    1 
ATOM 161 O "O5'"  . A A 1 6  ? 7.618   5.677   -7.159 1.00 0.00 ? 6  A A "O5'"  1 
ATOM 162 C "C5'"  . A A 1 6  ? 8.882   6.224   -6.819 1.00 0.00 ? 6  A A "C5'"  1 
ATOM 163 C "C4'"  . A A 1 6  ? 8.715   7.599   -6.159 1.00 0.00 ? 6  A A "C4'"  1 
ATOM 164 O "O4'"  . A A 1 6  ? 8.126   8.532   -7.049 1.00 0.00 ? 6  A A "O4'"  1 
ATOM 165 C "C3'"  . A A 1 6  ? 7.816   7.587   -4.921 1.00 0.00 ? 6  A A "C3'"  1 
ATOM 166 O "O3'"  . A A 1 6  ? 8.492   7.077   -3.779 1.00 0.00 ? 6  A A "O3'"  1 
ATOM 167 C "C2'"  . A A 1 6  ? 7.477   9.075   -4.823 1.00 0.00 ? 6  A A "C2'"  1 
ATOM 168 O "O2'"  . A A 1 6  ? 8.526   9.806   -4.213 1.00 0.00 ? 6  A A "O2'"  1 
ATOM 169 C "C1'"  . A A 1 6  ? 7.365   9.474   -6.303 1.00 0.00 ? 6  A A "C1'"  1 
ATOM 170 N N9     . A A 1 6  ? 5.949   9.491   -6.760 1.00 0.00 ? 6  A A N9     1 
ATOM 171 C C8     . A A 1 6  ? 5.295   8.641   -7.623 1.00 0.00 ? 6  A A C8     1 
ATOM 172 N N7     . A A 1 6  ? 4.078   9.006   -7.921 1.00 0.00 ? 6  A A N7     1 
ATOM 173 C C5     . A A 1 6  ? 3.897   10.180  -7.200 1.00 0.00 ? 6  A A C5     1 
ATOM 174 C C6     . A A 1 6  ? 2.825   11.110  -7.095 1.00 0.00 ? 6  A A C6     1 
ATOM 175 N N6     . A A 1 6  ? 1.682   10.993  -7.786 1.00 0.00 ? 6  A A N6     1 
ATOM 176 N N1     . A A 1 6  ? 2.964   12.175  -6.265 1.00 0.00 ? 6  A A N1     1 
ATOM 177 C C2     . A A 1 6  ? 4.108   12.321  -5.584 1.00 0.00 ? 6  A A C2     1 
ATOM 178 N N3     . A A 1 6  ? 5.191   11.533  -5.617 1.00 0.00 ? 6  A A N3     1 
ATOM 179 C C4     . A A 1 6  ? 5.024   10.465  -6.457 1.00 0.00 ? 6  A A C4     1 
ATOM 180 H "H5'"  . A A 1 6  ? 9.497   6.338   -7.715 1.00 0.00 ? 6  A A "H5'"  1 
ATOM 181 H "H5''" . A A 1 6  ? 9.396   5.558   -6.122 1.00 0.00 ? 6  A A "H5''" 1 
ATOM 182 H "H4'"  . A A 1 6  ? 9.705   7.976   -5.889 1.00 0.00 ? 6  A A "H4'"  1 
ATOM 183 H "H3'"  . A A 1 6  ? 6.903   7.027   -5.139 1.00 0.00 ? 6  A A "H3'"  1 
ATOM 184 H "H2'"  . A A 1 6  ? 6.554   9.245   -4.271 1.00 0.00 ? 6  A A "H2'"  1 
ATOM 185 H "HO2'" . A A 1 6  ? 9.329   9.681   -4.724 1.00 0.00 ? 6  A A "HO2'" 1 
ATOM 186 H "H1'"  . A A 1 6  ? 7.785   10.469  -6.470 1.00 0.00 ? 6  A A "H1'"  1 
ATOM 187 H H8     . A A 1 6  ? 5.751   7.756   -8.043 1.00 0.00 ? 6  A A H8     1 
ATOM 188 H H61    . A A 1 6  ? 0.956   11.686  -7.676 1.00 0.00 ? 6  A A H61    1 
ATOM 189 H H62    . A A 1 6  ? 1.546   10.214  -8.414 1.00 0.00 ? 6  A A H62    1 
ATOM 190 H H2     . A A 1 6  ? 4.169   13.184  -4.937 1.00 0.00 ? 6  A A H2     1 
ATOM 191 P P      . A A 1 7  ? 7.709   6.440   -2.511 1.00 0.00 ? 7  A A P      1 
ATOM 192 O OP1    . A A 1 7  ? 8.683   6.268   -1.412 1.00 0.00 ? 7  A A OP1    1 
ATOM 193 O OP2    . A A 1 7  ? 6.940   5.269   -2.989 1.00 0.00 ? 7  A A OP2    1 
ATOM 194 O "O5'"  . A A 1 7  ? 6.652   7.586   -2.085 1.00 0.00 ? 7  A A "O5'"  1 
ATOM 195 C "C5'"  . A A 1 7  ? 7.007   8.703   -1.285 1.00 0.00 ? 7  A A "C5'"  1 
ATOM 196 C "C4'"  . A A 1 7  ? 5.784   9.606   -1.060 1.00 0.00 ? 7  A A "C4'"  1 
ATOM 197 O "O4'"  . A A 1 7  ? 5.337   10.225  -2.257 1.00 0.00 ? 7  A A "O4'"  1 
ATOM 198 C "C3'"  . A A 1 7  ? 4.571   8.853   -0.513 1.00 0.00 ? 7  A A "C3'"  1 
ATOM 199 O "O3'"  . A A 1 7  ? 4.730   8.553   0.868  1.00 0.00 ? 7  A A "O3'"  1 
ATOM 200 C "C2'"  . A A 1 7  ? 3.467   9.863   -0.826 1.00 0.00 ? 7  A A "C2'"  1 
ATOM 201 O "O2'"  . A A 1 7  ? 3.453   10.911  0.126  1.00 0.00 ? 7  A A "O2'"  1 
ATOM 202 C "C1'"  . A A 1 7  ? 3.927   10.403  -2.193 1.00 0.00 ? 7  A A "C1'"  1 
ATOM 203 N N9     . A A 1 7  ? 3.266   9.654   -3.296 1.00 0.00 ? 7  A A N9     1 
ATOM 204 C C8     . A A 1 7  ? 3.640   8.475   -3.898 1.00 0.00 ? 7  A A C8     1 
ATOM 205 N N7     . A A 1 7  ? 2.786   8.016   -4.769 1.00 0.00 ? 7  A A N7     1 
ATOM 206 C C5     . A A 1 7  ? 1.770   8.963   -4.767 1.00 0.00 ? 7  A A C5     1 
ATOM 207 C C6     . A A 1 7  ? 0.545   9.082   -5.479 1.00 0.00 ? 7  A A C6     1 
ATOM 208 N N6     . A A 1 7  ? 0.118   8.165   -6.357 1.00 0.00 ? 7  A A N6     1 
ATOM 209 N N1     . A A 1 7  ? -0.225  10.181  -5.271 1.00 0.00 ? 7  A A N1     1 
ATOM 210 C C2     . A A 1 7  ? 0.186   11.104  -4.393 1.00 0.00 ? 7  A A C2     1 
ATOM 211 N N3     . A A 1 7  ? 1.300   11.093  -3.649 1.00 0.00 ? 7  A A N3     1 
ATOM 212 C C4     . A A 1 7  ? 2.065   9.982   -3.884 1.00 0.00 ? 7  A A C4     1 
ATOM 213 H "H5'"  . A A 1 7  ? 7.803   9.282   -1.755 1.00 0.00 ? 7  A A "H5'"  1 
ATOM 214 H "H5''" . A A 1 7  ? 7.359   8.355   -0.312 1.00 0.00 ? 7  A A "H5''" 1 
ATOM 215 H "H4'"  . A A 1 7  ? 6.062   10.402  -0.364 1.00 0.00 ? 7  A A "H4'"  1 
ATOM 216 H "H3'"  . A A 1 7  ? 4.400   7.950   -1.103 1.00 0.00 ? 7  A A "H3'"  1 
ATOM 217 H "H2'"  . A A 1 7  ? 2.481   9.397   -0.862 1.00 0.00 ? 7  A A "H2'"  1 
ATOM 218 H "HO2'" . A A 1 7  ? 3.323   10.526  0.995  1.00 0.00 ? 7  A A "HO2'" 1 
ATOM 219 H "H1'"  . A A 1 7  ? 3.698   11.466  -2.293 1.00 0.00 ? 7  A A "H1'"  1 
ATOM 220 H H8     . A A 1 7  ? 4.555   7.955   -3.661 1.00 0.00 ? 7  A A H8     1 
ATOM 221 H H61    . A A 1 7  ? -0.760  8.301   -6.837 1.00 0.00 ? 7  A A H61    1 
ATOM 222 H H62    . A A 1 7  ? 0.669   7.338   -6.536 1.00 0.00 ? 7  A A H62    1 
ATOM 223 H H2     . A A 1 7  ? -0.464  11.957  -4.261 1.00 0.00 ? 7  A A H2     1 
ATOM 224 P P      . G A 1 8  ? 3.982   7.307   1.579  1.00 0.00 ? 8  G A P      1 
ATOM 225 O OP1    . G A 1 8  ? 4.295   7.340   3.026  1.00 0.00 ? 8  G A OP1    1 
ATOM 226 O OP2    . G A 1 8  ? 4.272   6.084   0.799  1.00 0.00 ? 8  G A OP2    1 
ATOM 227 O "O5'"  . G A 1 8  ? 2.418   7.659   1.389  1.00 0.00 ? 8  G A "O5'"  1 
ATOM 228 C "C5'"  . G A 1 8  ? 1.782   8.720   2.078  1.00 0.00 ? 8  G A "C5'"  1 
ATOM 229 C "C4'"  . G A 1 8  ? 0.591   8.172   2.879  1.00 0.00 ? 8  G A "C4'"  1 
ATOM 230 O "O4'"  . G A 1 8  ? 1.092   7.265   3.846  1.00 0.00 ? 8  G A "O4'"  1 
ATOM 231 C "C3'"  . G A 1 8  ? -0.201  9.239   3.649  1.00 0.00 ? 8  G A "C3'"  1 
ATOM 232 O "O3'"  . G A 1 8  ? -1.280  9.841   2.935  1.00 0.00 ? 8  G A "O3'"  1 
ATOM 233 C "C2'"  . G A 1 8  ? -0.757  8.404   4.808  1.00 0.00 ? 8  G A "C2'"  1 
ATOM 234 O "O2'"  . G A 1 8  ? -1.948  7.731   4.430  1.00 0.00 ? 8  G A "O2'"  1 
ATOM 235 C "C1'"  . G A 1 8  ? 0.341   7.358   5.042  1.00 0.00 ? 8  G A "C1'"  1 
ATOM 236 N N9     . G A 1 8  ? 1.228   7.707   6.183  1.00 0.00 ? 8  G A N9     1 
ATOM 237 C C8     . G A 1 8  ? 2.457   8.325   6.183  1.00 0.00 ? 8  G A C8     1 
ATOM 238 N N7     . G A 1 8  ? 3.036   8.367   7.351  1.00 0.00 ? 8  G A N7     1 
ATOM 239 C C5     . G A 1 8  ? 2.127   7.746   8.201  1.00 0.00 ? 8  G A C5     1 
ATOM 240 C C6     . G A 1 8  ? 2.210   7.468   9.607  1.00 0.00 ? 8  G A C6     1 
ATOM 241 O O6     . G A 1 8  ? 3.144   7.708   10.370 1.00 0.00 ? 8  G A O6     1 
ATOM 242 N N1     . G A 1 8  ? 1.060   6.841   10.112 1.00 0.00 ? 8  G A N1     1 
ATOM 243 C C2     . G A 1 8  ? -0.047  6.506   9.336  1.00 0.00 ? 8  G A C2     1 
ATOM 244 N N2     . G A 1 8  ? -1.079  5.923   9.962  1.00 0.00 ? 8  G A N2     1 
ATOM 245 N N3     . G A 1 8  ? -0.110  6.747   8.006  1.00 0.00 ? 8  G A N3     1 
ATOM 246 C C4     . G A 1 8  ? 1.001   7.366   7.498  1.00 0.00 ? 8  G A C4     1 
ATOM 247 H "H5'"  . G A 1 8  ? 1.446   9.419   1.321  1.00 0.00 ? 8  G A "H5'"  1 
ATOM 248 H "H5''" . G A 1 8  ? 2.457   9.256   2.748  1.00 0.00 ? 8  G A "H5''" 1 
ATOM 249 H "H4'"  . G A 1 8  ? -0.097  7.628   2.231  1.00 0.00 ? 8  G A "H4'"  1 
ATOM 250 H "H3'"  . G A 1 8  ? 0.477   9.995   4.049  1.00 0.00 ? 8  G A "H3'"  1 
ATOM 251 H "H2'"  . G A 1 8  ? -0.960  9.018   5.688  1.00 0.00 ? 8  G A "H2'"  1 
ATOM 252 H "HO2'" . G A 1 8  ? -1.764  7.201   3.650  1.00 0.00 ? 8  G A "HO2'" 1 
ATOM 253 H "H1'"  . G A 1 8  ? -0.094  6.376   5.238  1.00 0.00 ? 8  G A "H1'"  1 
ATOM 254 H H8     . G A 1 8  ? 2.920   8.724   5.291  1.00 0.00 ? 8  G A H8     1 
ATOM 255 H H1     . G A 1 8  ? 1.050   6.616   11.098 1.00 0.00 ? 8  G A H1     1 
ATOM 256 H H21    . G A 1 8  ? -1.034  5.744   10.955 1.00 0.00 ? 8  G A H21    1 
ATOM 257 H H22    . G A 1 8  ? -1.908  5.668   9.444  1.00 0.00 ? 8  G A H22    1 
ATOM 258 P P      . U A 1 9  ? -1.109  10.714  1.581  1.00 0.00 ? 9  U A P      1 
ATOM 259 O OP1    . U A 1 9  ? 0.130   11.518  1.686  1.00 0.00 ? 9  U A OP1    1 
ATOM 260 O OP2    . U A 1 9  ? -2.399  11.397  1.329  1.00 0.00 ? 9  U A OP2    1 
ATOM 261 O "O5'"  . U A 1 9  ? -0.913  9.590   0.426  1.00 0.00 ? 9  U A "O5'"  1 
ATOM 262 C "C5'"  . U A 1 9  ? -0.797  9.945   -0.943 1.00 0.00 ? 9  U A "C5'"  1 
ATOM 263 C "C4'"  . U A 1 9  ? -0.831  8.722   -1.877 1.00 0.00 ? 9  U A "C4'"  1 
ATOM 264 O "O4'"  . U A 1 9  ? 0.340   7.922   -1.830 1.00 0.00 ? 9  U A "O4'"  1 
ATOM 265 C "C3'"  . U A 1 9  ? -1.959  7.727   -1.607 1.00 0.00 ? 9  U A "C3'"  1 
ATOM 266 O "O3'"  . U A 1 9  ? -3.251  8.234   -1.915 1.00 0.00 ? 9  U A "O3'"  1 
ATOM 267 C "C2'"  . U A 1 9  ? -1.505  6.585   -2.519 1.00 0.00 ? 9  U A "C2'"  1 
ATOM 268 O "O2'"  . U A 1 9  ? -1.851  6.820   -3.873 1.00 0.00 ? 9  U A "O2'"  1 
ATOM 269 C "C1'"  . U A 1 9  ? 0.025   6.631   -2.362 1.00 0.00 ? 9  U A "C1'"  1 
ATOM 270 N N1     . U A 1 9  ? 0.484   5.506   -1.487 1.00 0.00 ? 9  U A N1     1 
ATOM 271 C C2     . U A 1 9  ? 0.708   4.248   -2.075 1.00 0.00 ? 9  U A C2     1 
ATOM 272 O O2     . U A 1 9  ? 0.504   4.015   -3.265 1.00 0.00 ? 9  U A O2     1 
ATOM 273 N N3     . U A 1 9  ? 1.190   3.248   -1.229 1.00 0.00 ? 9  U A N3     1 
ATOM 274 C C4     . U A 1 9  ? 1.426   3.380   0.140  1.00 0.00 ? 9  U A C4     1 
ATOM 275 O O4     . U A 1 9  ? 1.902   2.447   0.782  1.00 0.00 ? 9  U A O4     1 
ATOM 276 C C5     . U A 1 9  ? 1.053   4.676   0.688  1.00 0.00 ? 9  U A C5     1 
ATOM 277 C C6     . U A 1 9  ? 0.603   5.670   -0.121 1.00 0.00 ? 9  U A C6     1 
ATOM 278 H "H5'"  . U A 1 9  ? 0.130   10.500  -1.106 1.00 0.00 ? 9  U A "H5'"  1 
ATOM 279 H "H5''" . U A 1 9  ? -1.637  10.588  -1.220 1.00 0.00 ? 9  U A "H5''" 1 
ATOM 280 H "H4'"  . U A 1 9  ? -0.933  9.101   -2.892 1.00 0.00 ? 9  U A "H4'"  1 
ATOM 281 H "H3'"  . U A 1 9  ? -1.904  7.409   -0.564 1.00 0.00 ? 9  U A "H3'"  1 
ATOM 282 H "H2'"  . U A 1 9  ? -1.930  5.638   -2.197 1.00 0.00 ? 9  U A "H2'"  1 
ATOM 283 H "HO2'" . U A 1 9  ? -1.439  7.636   -4.164 1.00 0.00 ? 9  U A "HO2'" 1 
ATOM 284 H "H1'"  . U A 1 9  ? 0.516   6.557   -3.336 1.00 0.00 ? 9  U A "H1'"  1 
ATOM 285 H H3     . U A 1 9  ? 1.390   2.350   -1.645 1.00 0.00 ? 9  U A H3     1 
ATOM 286 H H5     . U A 1 9  ? 1.140   4.852   1.751  1.00 0.00 ? 9  U A H5     1 
ATOM 287 H H6     . U A 1 9  ? 0.324   6.613   0.317  1.00 0.00 ? 9  U A H6     1 
ATOM 288 P P      . C A 1 10 ? -4.610  7.501   -1.412 1.00 0.00 ? 10 C A P      1 
ATOM 289 O OP1    . C A 1 10 ? -5.762  8.288   -1.904 1.00 0.00 ? 10 C A OP1    1 
ATOM 290 O OP2    . C A 1 10 ? -4.476  7.235   0.038  1.00 0.00 ? 10 C A OP2    1 
ATOM 291 O "O5'"  . C A 1 10 ? -4.606  6.073   -2.177 1.00 0.00 ? 10 C A "O5'"  1 
ATOM 292 C "C5'"  . C A 1 10 ? -4.973  5.928   -3.540 1.00 0.00 ? 10 C A "C5'"  1 
ATOM 293 C "C4'"  . C A 1 10 ? -4.642  4.510   -4.030 1.00 0.00 ? 10 C A "C4'"  1 
ATOM 294 O "O4'"  . C A 1 10 ? -3.267  4.207   -3.844 1.00 0.00 ? 10 C A "O4'"  1 
ATOM 295 C "C3'"  . C A 1 10 ? -5.389  3.391   -3.301 1.00 0.00 ? 10 C A "C3'"  1 
ATOM 296 O "O3'"  . C A 1 10 ? -6.753  3.283   -3.689 1.00 0.00 ? 10 C A "O3'"  1 
ATOM 297 C "C2'"  . C A 1 10 ? -4.522  2.197   -3.712 1.00 0.00 ? 10 C A "C2'"  1 
ATOM 298 O "O2'"  . C A 1 10 ? -4.820  1.766   -5.027 1.00 0.00 ? 10 C A "O2'"  1 
ATOM 299 C "C1'"  . C A 1 10 ? -3.110  2.803   -3.678 1.00 0.00 ? 10 C A "C1'"  1 
ATOM 300 N N1     . C A 1 10 ? -2.425  2.448   -2.391 1.00 0.00 ? 10 C A N1     1 
ATOM 301 C C2     . C A 1 10 ? -1.629  1.288   -2.359 1.00 0.00 ? 10 C A C2     1 
ATOM 302 O O2     . C A 1 10 ? -1.398  0.642   -3.379 1.00 0.00 ? 10 C A O2     1 
ATOM 303 N N3     . C A 1 10 ? -1.119  0.877   -1.156 1.00 0.00 ? 10 C A N3     1 
ATOM 304 C C4     . C A 1 10 ? -1.366  1.548   -0.015 1.00 0.00 ? 10 C A C4     1 
ATOM 305 N N4     . C A 1 10 ? -0.871  1.070   1.134  1.00 0.00 ? 10 C A N4     1 
ATOM 306 C C5     . C A 1 10 ? -2.172  2.745   -0.021 1.00 0.00 ? 10 C A C5     1 
ATOM 307 C C6     . C A 1 10 ? -2.676  3.145   -1.219 1.00 0.00 ? 10 C A C6     1 
ATOM 308 H "H5'"  . C A 1 10 ? -4.432  6.647   -4.158 1.00 0.00 ? 10 C A "H5'"  1 
ATOM 309 H "H5''" . C A 1 10 ? -6.044  6.107   -3.655 1.00 0.00 ? 10 C A "H5''" 1 
ATOM 310 H "H4'"  . C A 1 10 ? -4.863  4.450   -5.099 1.00 0.00 ? 10 C A "H4'"  1 
ATOM 311 H "H3'"  . C A 1 10 ? -5.312  3.552   -2.226 1.00 0.00 ? 10 C A "H3'"  1 
ATOM 312 H "H2'"  . C A 1 10 ? -4.638  1.358   -3.030 1.00 0.00 ? 10 C A "H2'"  1 
ATOM 313 H "HO2'" . C A 1 10 ? -4.286  0.992   -5.222 1.00 0.00 ? 10 C A "HO2'" 1 
ATOM 314 H "H1'"  . C A 1 10 ? -2.522  2.459   -4.532 1.00 0.00 ? 10 C A "H1'"  1 
ATOM 315 H H41    . C A 1 10 ? -0.315  0.226   1.127  1.00 0.00 ? 10 C A H41    1 
ATOM 316 H H42    . C A 1 10 ? -1.053  1.547   2.005  1.00 0.00 ? 10 C A H42    1 
ATOM 317 H H5     . C A 1 10 ? -2.395  3.317   0.869  1.00 0.00 ? 10 C A H5     1 
ATOM 318 H H6     . C A 1 10 ? -3.300  4.023   -1.236 1.00 0.00 ? 10 C A H6     1 
ATOM 319 P P      . G A 1 11 ? -7.838  2.445   -2.822 1.00 0.00 ? 11 G A P      1 
ATOM 320 O OP1    . G A 1 11 ? -9.147  2.549   -3.505 1.00 0.00 ? 11 G A OP1    1 
ATOM 321 O OP2    . G A 1 11 ? -7.721  2.867   -1.408 1.00 0.00 ? 11 G A OP2    1 
ATOM 322 O "O5'"  . G A 1 11 ? -7.334  0.910   -2.920 1.00 0.00 ? 11 G A "O5'"  1 
ATOM 323 C "C5'"  . G A 1 11 ? -7.519  0.121   -4.084 1.00 0.00 ? 11 G A "C5'"  1 
ATOM 324 C "C4'"  . G A 1 11 ? -6.830  -1.240  -3.917 1.00 0.00 ? 11 G A "C4'"  1 
ATOM 325 O "O4'"  . G A 1 11 ? -5.447  -1.108  -3.625 1.00 0.00 ? 11 G A "O4'"  1 
ATOM 326 C "C3'"  . G A 1 11 ? -7.394  -2.084  -2.772 1.00 0.00 ? 11 G A "C3'"  1 
ATOM 327 O "O3'"  . G A 1 11 ? -8.658  -2.658  -3.081 1.00 0.00 ? 11 G A "O3'"  1 
ATOM 328 C "C2'"  . G A 1 11 ? -6.265  -3.106  -2.624 1.00 0.00 ? 11 G A "C2'"  1 
ATOM 329 O "O2'"  . G A 1 11 ? -6.322  -4.107  -3.622 1.00 0.00 ? 11 G A "O2'"  1 
ATOM 330 C "C1'"  . G A 1 11 ? -5.028  -2.222  -2.844 1.00 0.00 ? 11 G A "C1'"  1 
ATOM 331 N N9     . G A 1 11 ? -4.459  -1.798  -1.536 1.00 0.00 ? 11 G A N9     1 
ATOM 332 C C8     . G A 1 11 ? -4.595  -0.612  -0.852 1.00 0.00 ? 11 G A C8     1 
ATOM 333 N N7     . G A 1 11 ? -3.932  -0.558  0.269  1.00 0.00 ? 11 G A N7     1 
ATOM 334 C C5     . G A 1 11 ? -3.325  -1.804  0.360  1.00 0.00 ? 11 G A C5     1 
ATOM 335 C C6     . G A 1 11 ? -2.468  -2.349  1.375  1.00 0.00 ? 11 G A C6     1 
ATOM 336 O O6     . G A 1 11 ? -2.049  -1.789  2.384  1.00 0.00 ? 11 G A O6     1 
ATOM 337 N N1     . G A 1 11 ? -2.103  -3.679  1.126  1.00 0.00 ? 11 G A N1     1 
ATOM 338 C C2     . G A 1 11 ? -2.519  -4.406  0.014  1.00 0.00 ? 11 G A C2     1 
ATOM 339 N N2     . G A 1 11 ? -2.076  -5.665  -0.098 1.00 0.00 ? 11 G A N2     1 
ATOM 340 N N3     . G A 1 11 ? -3.315  -3.886  -0.945 1.00 0.00 ? 11 G A N3     1 
ATOM 341 C C4     . G A 1 11 ? -3.682  -2.586  -0.720 1.00 0.00 ? 11 G A C4     1 
ATOM 342 H "H5'"  . G A 1 11 ? -7.103  0.623   -4.959 1.00 0.00 ? 11 G A "H5'"  1 
ATOM 343 H "H5''" . G A 1 11 ? -8.585  -0.043  -4.256 1.00 0.00 ? 11 G A "H5''" 1 
ATOM 344 H "H4'"  . G A 1 11 ? -6.928  -1.790  -4.856 1.00 0.00 ? 11 G A "H4'"  1 
ATOM 345 H "H3'"  . G A 1 11 ? -7.448  -1.467  -1.872 1.00 0.00 ? 11 G A "H3'"  1 
ATOM 346 H "H2'"  . G A 1 11 ? -6.275  -3.579  -1.645 1.00 0.00 ? 11 G A "H2'"  1 
ATOM 347 H "HO2'" . G A 1 11 ? -6.300  -3.687  -4.485 1.00 0.00 ? 11 G A "HO2'" 1 
ATOM 348 H "H1'"  . G A 1 11 ? -4.256  -2.764  -3.394 1.00 0.00 ? 11 G A "H1'"  1 
ATOM 349 H H8     . G A 1 11 ? -5.199  0.210   -1.201 1.00 0.00 ? 11 G A H8     1 
ATOM 350 H H1     . G A 1 11 ? -1.501  -4.128  1.802  1.00 0.00 ? 11 G A H1     1 
ATOM 351 H H21    . G A 1 11 ? -1.476  -6.058  0.614  1.00 0.00 ? 11 G A H21    1 
ATOM 352 H H22    . G A 1 11 ? -2.344  -6.223  -0.896 1.00 0.00 ? 11 G A H22    1 
ATOM 353 P P      . C A 1 12 ? -9.643  -3.253  -1.940 1.00 0.00 ? 12 C A P      1 
ATOM 354 O OP1    . C A 1 12 ? -10.850 -3.787  -2.613 1.00 0.00 ? 12 C A OP1    1 
ATOM 355 O OP2    . C A 1 12 ? -9.794  -2.227  -0.884 1.00 0.00 ? 12 C A OP2    1 
ATOM 356 O "O5'"  . C A 1 12 ? -8.822  -4.496  -1.309 1.00 0.00 ? 12 C A "O5'"  1 
ATOM 357 C "C5'"  . C A 1 12 ? -8.707  -5.748  -1.964 1.00 0.00 ? 12 C A "C5'"  1 
ATOM 358 C "C4'"  . C A 1 12 ? -7.765  -6.676  -1.185 1.00 0.00 ? 12 C A "C4'"  1 
ATOM 359 O "O4'"  . C A 1 12 ? -6.467  -6.121  -1.027 1.00 0.00 ? 12 C A "O4'"  1 
ATOM 360 C "C3'"  . C A 1 12 ? -8.224  -6.989  0.242  1.00 0.00 ? 12 C A "C3'"  1 
ATOM 361 O "O3'"  . C A 1 12 ? -9.324  -7.888  0.292  1.00 0.00 ? 12 C A "O3'"  1 
ATOM 362 C "C2'"  . C A 1 12 ? -6.924  -7.561  0.808  1.00 0.00 ? 12 C A "C2'"  1 
ATOM 363 O "O2'"  . C A 1 12 ? -6.702  -8.895  0.383  1.00 0.00 ? 12 C A "O2'"  1 
ATOM 364 C "C1'"  . C A 1 12 ? -5.882  -6.624  0.172  1.00 0.00 ? 12 C A "C1'"  1 
ATOM 365 N N1     . C A 1 12 ? -5.509  -5.547  1.148  1.00 0.00 ? 12 C A N1     1 
ATOM 366 C C2     . C A 1 12 ? -4.546  -5.852  2.128  1.00 0.00 ? 12 C A C2     1 
ATOM 367 O O2     . C A 1 12 ? -3.977  -6.943  2.145  1.00 0.00 ? 12 C A O2     1 
ATOM 368 N N3     . C A 1 12 ? -4.249  -4.906  3.073  1.00 0.00 ? 12 C A N3     1 
ATOM 369 C C4     . C A 1 12 ? -4.867  -3.709  3.092  1.00 0.00 ? 12 C A C4     1 
ATOM 370 N N4     . C A 1 12 ? -4.541  -2.831  4.049  1.00 0.00 ? 12 C A N4     1 
ATOM 371 C C5     . C A 1 12 ? -5.875  -3.380  2.113  1.00 0.00 ? 12 C A C5     1 
ATOM 372 C C6     . C A 1 12 ? -6.160  -4.325  1.177  1.00 0.00 ? 12 C A C6     1 
ATOM 373 H "H5'"  . C A 1 12 ? -8.318  -5.616  -2.975 1.00 0.00 ? 12 C A "H5'"  1 
ATOM 374 H "H5''" . C A 1 12 ? -9.689  -6.218  -2.030 1.00 0.00 ? 12 C A "H5''" 1 
ATOM 375 H "H4'"  . C A 1 12 ? -7.671  -7.608  -1.748 1.00 0.00 ? 12 C A "H4'"  1 
ATOM 376 H "H3'"  . C A 1 12 ? -8.464  -6.050  0.748  1.00 0.00 ? 12 C A "H3'"  1 
ATOM 377 H "H2'"  . C A 1 12 ? -6.908  -7.538  1.895  1.00 0.00 ? 12 C A "H2'"  1 
ATOM 378 H "HO2'" . C A 1 12 ? -6.674  -8.915  -0.576 1.00 0.00 ? 12 C A "HO2'" 1 
ATOM 379 H "H1'"  . C A 1 12 ? -4.989  -7.181  -0.120 1.00 0.00 ? 12 C A "H1'"  1 
ATOM 380 H H41    . C A 1 12 ? -3.838  -3.074  4.731  1.00 0.00 ? 12 C A H41    1 
ATOM 381 H H42    . C A 1 12 ? -4.996  -1.930  4.090  1.00 0.00 ? 12 C A H42    1 
ATOM 382 H H5     . C A 1 12 ? -6.402  -2.436  2.096  1.00 0.00 ? 12 C A H5     1 
ATOM 383 H H6     . C A 1 12 ? -6.931  -4.104  0.457  1.00 0.00 ? 12 C A H6     1 
ATOM 384 P P      . A A 1 13 ? -10.252 -8.045  1.613  1.00 0.00 ? 13 A A P      1 
ATOM 385 O OP1    . A A 1 13 ? -11.286 -9.063  1.323  1.00 0.00 ? 13 A A OP1    1 
ATOM 386 O OP2    . A A 1 13 ? -10.667 -6.691  2.044  1.00 0.00 ? 13 A A OP2    1 
ATOM 387 O "O5'"  . A A 1 13 ? -9.255  -8.638  2.744  1.00 0.00 ? 13 A A "O5'"  1 
ATOM 388 C "C5'"  . A A 1 13 ? -8.851  -9.998  2.765  1.00 0.00 ? 13 A A "C5'"  1 
ATOM 389 C "C4'"  . A A 1 13 ? -7.860  -10.247 3.911  1.00 0.00 ? 13 A A "C4'"  1 
ATOM 390 O "O4'"  . A A 1 13 ? -6.698  -9.439  3.805  1.00 0.00 ? 13 A A "O4'"  1 
ATOM 391 C "C3'"  . A A 1 13 ? -8.424  -9.953  5.304  1.00 0.00 ? 13 A A "C3'"  1 
ATOM 392 O "O3'"  . A A 1 13 ? -9.304  -10.957 5.771  1.00 0.00 ? 13 A A "O3'"  1 
ATOM 393 C "C2'"  . A A 1 13 ? -7.130  -9.869  6.112  1.00 0.00 ? 13 A A "C2'"  1 
ATOM 394 O "O2'"  . A A 1 13 ? -6.635  -11.162 6.415  1.00 0.00 ? 13 A A "O2'"  1 
ATOM 395 C "C1'"  . A A 1 13 ? -6.194  -9.169  5.110  1.00 0.00 ? 13 A A "C1'"  1 
ATOM 396 N N9     . A A 1 13 ? -6.148  -7.704  5.373  1.00 0.00 ? 13 A A N9     1 
ATOM 397 C C8     . A A 1 13 ? -6.814  -6.674  4.749  1.00 0.00 ? 13 A A C8     1 
ATOM 398 N N7     . A A 1 13 ? -6.557  -5.490  5.233  1.00 0.00 ? 13 A A N7     1 
ATOM 399 C C5     . A A 1 13 ? -5.668  -5.741  6.272  1.00 0.00 ? 13 A A C5     1 
ATOM 400 C C6     . A A 1 13 ? -5.010  -4.910  7.219  1.00 0.00 ? 13 A A C6     1 
ATOM 401 N N6     . A A 1 13 ? -5.123  -3.574  7.228  1.00 0.00 ? 13 A A N6     1 
ATOM 402 N N1     . A A 1 13 ? -4.229  -5.491  8.165  1.00 0.00 ? 13 A A N1     1 
ATOM 403 C C2     . A A 1 13 ? -4.095  -6.823  8.167  1.00 0.00 ? 13 A A C2     1 
ATOM 404 N N3     . A A 1 13 ? -4.644  -7.706  7.323  1.00 0.00 ? 13 A A N3     1 
ATOM 405 C C4     . A A 1 13 ? -5.432  -7.097  6.381  1.00 0.00 ? 13 A A C4     1 
ATOM 406 H "H5'"  . A A 1 13 ? -8.377  -10.268 1.821  1.00 0.00 ? 13 A A "H5'"  1 
ATOM 407 H "H5''" . A A 1 13 ? -9.723  -10.640 2.911  1.00 0.00 ? 13 A A "H5''" 1 
ATOM 408 H "H4'"  . A A 1 13 ? -7.544  -11.293 3.872  1.00 0.00 ? 13 A A "H4'"  1 
ATOM 409 H "H3'"  . A A 1 13 ? -8.926  -8.984  5.319  1.00 0.00 ? 13 A A "H3'"  1 
ATOM 410 H "HO3'" . A A 1 13 ? -9.552  -10.747 6.675  1.00 0.00 ? 13 A A "HO3'" 1 
ATOM 411 H "H2'"  . A A 1 13 ? -7.267  -9.313  7.041  1.00 0.00 ? 13 A A "H2'"  1 
ATOM 412 H "HO2'" . A A 1 13 ? -7.301  -11.628 6.926  1.00 0.00 ? 13 A A "HO2'" 1 
ATOM 413 H "H1'"  . A A 1 13 ? -5.179  -9.566  5.185  1.00 0.00 ? 13 A A "H1'"  1 
ATOM 414 H H8     . A A 1 13 ? -7.503  -6.820  3.931  1.00 0.00 ? 13 A A H8     1 
ATOM 415 H H61    . A A 1 13 ? -4.625  -3.033  7.919  1.00 0.00 ? 13 A A H61    1 
ATOM 416 H H62    . A A 1 13 ? -5.695  -3.108  6.537  1.00 0.00 ? 13 A A H62    1 
ATOM 417 H H2     . A A 1 13 ? -3.462  -7.236  8.939  1.00 0.00 ? 13 A A H2     1 
# 
